data_7TZ7
#
_entry.id   7TZ7
#
_cell.length_a   99.870
_cell.length_b   109.672
_cell.length_c   135.242
_cell.angle_alpha   90.000
_cell.angle_beta   90.000
_cell.angle_gamma   90.000
#
_symmetry.space_group_name_H-M   'P 21 21 21'
#
loop_
_entity.id
_entity.type
_entity.pdbx_description
1 polymer 'Phosphatidylinositol 4,5-bisphosphate 3-kinase catalytic subunit alpha isoform'
2 polymer 'Isoform 3 of Phosphatidylinositol 3-kinase regulatory subunit alpha'
3 non-polymer "(4S,5R)-3-[2'-amino-2-(morpholin-4-yl)-4'-(trifluoromethyl)[4,5'-bipyrimidin]-6-yl]-4-(hydroxymethyl)-5-methyl-1,3-oxazolidin-2-one"
4 water water
#
loop_
_entity_poly.entity_id
_entity_poly.type
_entity_poly.pdbx_seq_one_letter_code
_entity_poly.pdbx_strand_id
1 'polypeptide(L)'
;MPPRPSSGELWGIHLMPPRILVECLLPNGMIVTLECLREATLITIKHELFKEARKYPLHQLLQDESSYIFVSVTQEAERE
EFFDETRRLCDLRLFQPFLKVIEPVGNREEKILNREIGFAIGMPVCEFDMVKDPEVQDFRRNILNVCKEAVDLRDLNSPH
SRAMYVYPPNVESSPELPKHIYNKLDKGQIIVVIWVIVSPNNDKQKYTLKINHDCVPEQVIAEAIRKKTRSKKLSSEQLK
LCVLEYQGKYILKVCGCDEYFLEKYPLSQYKYIRSCIMLGRMPNLMLMAKESLYSQLPMDCFTMPSYSRRISTATPYMNG
ETSTKSLWVINSALRIKILCATYVNVNIRDIDKIYVRTGIYHGGEPLCDNVNTQRVPCSNPRWNEWLNYDIYIPDLPRAA
RLCLSICSVKGRKGAKEEHCPLAWGNINLFDYTDTLVSGKMALNLWPVPHGLEDLLNPIGVTGSNPNKETPCLELEFDWF
SSVVKFPDMSVIEEHANWSVSREAGFSYSHAGLSNRLARDNELRENDKEQLKAISTRDPLSEITEQEKDFLWSHRHYCVT
IPEILPKLLLSVKWNSRDEVAQMYCLVKDWPPIKPEQAMELLDCNYPDPMVRGFAVRCLEKYLTDDKLSQYLIQLVQVLK
YEQYLDNLLVRFLLKKALTNQRIGHFFFWHLKSEMHNKTVSQRFGLLLESYCRACGMYLKHLNRQVEAMEKLINLTDILK
QEKKDETQKVQMKFLVEQMRRPDFMDALQGFLSPLNPAHQLGNLRLEECRIMSSAKRPLWLNWENPDIMSELLFQNNEII
FKNGDDLRQDMLTLQIIRIMENIWQNQGLDLRMLPYGCLSIGDCVGLIEVVRNSHTIMQIQCKGGLKGALQFNSHTLHQW
LKDKNKGEIYDAAIDLFTRSCAGYCVATFILGIGDRHNSNIMVKDDGQLFHIDFGHFLDHKKKKFGYKRERVPFVLTQDF
LIVISKGAQECTKTREFERFQEMCYKAYLAIRQHANLFINLFSMMLGSGMPELQSFDDIAYIRKTLALDKTEQEALEYFM
KQMNDAHHGGWTTKMDWIFHTIKQHALNHHHHHH
;
A
2 'polypeptide(L)'
;MHNLQYLPPKPPKPTTVANNGMNNNMSLQDAEWYWGDISREEVNEKLRDTADGTFLVRDASTKMHGDYTLTLRKGGNNKL
IKIFHRDGKYGFSDPLTFSSVVELINHYRNESLAQYNPKLDVKLLYPVSKYQQDQVVKEDNIEAVGKKLHEYNTQFQEKS
REYDRLYEEYTRTSQEIQMKRTAIEAFNETIKIFEEQCQTQERYSKEYIEKFKREGNEKEIQRIMHNYDKLKSRISEIID
SRRRLEEDLKKQAAEYREIDKRMNSIKPDLIQLRKTRDQYLMWLTQKGVRQ
;
B
#
# COMPACT_ATOMS: atom_id res chain seq x y z
N PRO A 2 -18.47 -13.31 -4.21
CA PRO A 2 -17.65 -12.58 -3.25
C PRO A 2 -16.49 -13.41 -2.72
N PRO A 3 -15.40 -12.77 -2.28
CA PRO A 3 -14.24 -13.51 -1.80
C PRO A 3 -14.55 -14.29 -0.53
N ARG A 4 -13.59 -15.13 -0.15
CA ARG A 4 -13.79 -16.10 0.91
C ARG A 4 -13.89 -15.40 2.27
N PRO A 5 -14.92 -15.70 3.07
CA PRO A 5 -15.00 -15.09 4.41
C PRO A 5 -13.84 -15.51 5.29
N SER A 6 -13.72 -16.82 5.54
CA SER A 6 -12.66 -17.40 6.33
C SER A 6 -11.72 -18.22 5.44
N SER A 7 -10.96 -19.13 6.04
CA SER A 7 -10.10 -20.03 5.30
C SER A 7 -10.27 -21.48 5.73
N GLY A 8 -11.43 -21.83 6.30
CA GLY A 8 -11.67 -23.17 6.75
C GLY A 8 -12.12 -24.11 5.64
N GLU A 9 -12.09 -25.41 5.96
CA GLU A 9 -12.48 -26.42 4.98
C GLU A 9 -13.99 -26.46 4.75
N LEU A 10 -14.77 -25.89 5.66
CA LEU A 10 -16.20 -25.74 5.47
C LEU A 10 -16.63 -24.43 6.11
N TRP A 11 -17.83 -23.97 5.74
CA TRP A 11 -18.37 -22.76 6.34
C TRP A 11 -18.68 -23.01 7.80
N GLY A 12 -18.08 -22.19 8.67
CA GLY A 12 -18.21 -22.34 10.10
C GLY A 12 -17.43 -23.50 10.69
N ILE A 13 -16.60 -24.18 9.91
CA ILE A 13 -15.82 -25.32 10.36
C ILE A 13 -14.42 -25.18 9.80
N HIS A 14 -13.43 -24.97 10.68
CA HIS A 14 -12.06 -24.78 10.22
C HIS A 14 -11.43 -26.07 9.73
N LEU A 15 -11.88 -27.22 10.24
CA LEU A 15 -11.31 -28.50 9.85
C LEU A 15 -12.39 -29.57 9.87
N MET A 16 -12.56 -30.25 8.75
CA MET A 16 -13.51 -31.36 8.68
C MET A 16 -13.06 -32.45 9.65
N PRO A 17 -14.01 -33.22 10.19
CA PRO A 17 -13.64 -34.42 10.94
C PRO A 17 -13.01 -35.44 10.01
N PRO A 18 -12.32 -36.46 10.56
CA PRO A 18 -11.69 -37.46 9.68
C PRO A 18 -12.66 -38.12 8.72
N ARG A 19 -13.91 -38.30 9.13
CA ARG A 19 -14.96 -38.79 8.24
C ARG A 19 -16.14 -37.83 8.27
N ILE A 20 -16.78 -37.65 7.12
CA ILE A 20 -17.83 -36.65 6.97
C ILE A 20 -18.84 -37.15 5.95
N LEU A 21 -20.11 -36.83 6.18
CA LEU A 21 -21.19 -37.23 5.28
C LEU A 21 -21.39 -36.15 4.22
N VAL A 22 -21.40 -36.56 2.96
CA VAL A 22 -21.55 -35.66 1.82
C VAL A 22 -22.80 -36.05 1.06
N GLU A 23 -23.73 -35.11 0.93
CA GLU A 23 -24.91 -35.31 0.12
C GLU A 23 -24.53 -35.29 -1.35
N CYS A 24 -24.85 -36.36 -2.08
CA CYS A 24 -24.52 -36.47 -3.49
C CYS A 24 -25.79 -36.42 -4.31
N LEU A 25 -25.87 -35.45 -5.23
CA LEU A 25 -27.03 -35.25 -6.09
C LEU A 25 -26.75 -35.88 -7.44
N LEU A 26 -27.37 -37.03 -7.69
CA LEU A 26 -27.19 -37.75 -8.94
C LEU A 26 -27.97 -37.09 -10.07
N PRO A 27 -27.54 -37.27 -11.33
CA PRO A 27 -28.23 -36.61 -12.45
C PRO A 27 -29.62 -37.13 -12.72
N ASN A 28 -30.06 -38.19 -12.06
CA ASN A 28 -31.41 -38.72 -12.24
C ASN A 28 -32.38 -38.22 -11.18
N GLY A 29 -31.97 -37.30 -10.31
CA GLY A 29 -32.81 -36.77 -9.27
C GLY A 29 -32.58 -37.37 -7.89
N MET A 30 -31.90 -38.50 -7.80
CA MET A 30 -31.69 -39.16 -6.52
C MET A 30 -30.62 -38.45 -5.71
N ILE A 31 -30.78 -38.48 -4.38
CA ILE A 31 -29.79 -37.95 -3.45
C ILE A 31 -29.24 -39.10 -2.62
N VAL A 32 -27.92 -39.25 -2.60
CA VAL A 32 -27.24 -40.33 -1.91
C VAL A 32 -26.32 -39.73 -0.87
N THR A 33 -26.58 -40.03 0.40
CA THR A 33 -25.68 -39.64 1.48
C THR A 33 -24.52 -40.62 1.52
N LEU A 34 -23.30 -40.11 1.39
CA LEU A 34 -22.12 -40.94 1.30
C LEU A 34 -21.11 -40.50 2.35
N GLU A 35 -20.49 -41.47 3.02
CA GLU A 35 -19.46 -41.18 4.01
C GLU A 35 -18.10 -41.21 3.35
N CYS A 36 -17.36 -40.11 3.48
CA CYS A 36 -16.06 -39.96 2.83
C CYS A 36 -15.01 -39.59 3.86
N LEU A 37 -13.77 -40.01 3.59
CA LEU A 37 -12.63 -39.50 4.34
C LEU A 37 -12.38 -38.05 3.93
N ARG A 38 -11.95 -37.24 4.90
CA ARG A 38 -11.82 -35.81 4.64
C ARG A 38 -10.79 -35.52 3.55
N GLU A 39 -9.80 -36.40 3.38
CA GLU A 39 -8.73 -36.18 2.41
C GLU A 39 -8.87 -37.04 1.16
N ALA A 40 -10.06 -37.61 0.93
CA ALA A 40 -10.28 -38.46 -0.24
C ALA A 40 -10.38 -37.62 -1.51
N THR A 41 -9.78 -38.13 -2.58
CA THR A 41 -9.82 -37.44 -3.86
C THR A 41 -11.19 -37.57 -4.50
N LEU A 42 -11.46 -36.71 -5.49
CA LEU A 42 -12.73 -36.75 -6.19
C LEU A 42 -12.85 -37.94 -7.13
N ILE A 43 -11.72 -38.51 -7.57
CA ILE A 43 -11.77 -39.75 -8.34
C ILE A 43 -12.33 -40.87 -7.48
N THR A 44 -11.89 -40.95 -6.22
CA THR A 44 -12.37 -41.99 -5.32
C THR A 44 -13.84 -41.78 -4.97
N ILE A 45 -14.20 -40.55 -4.58
CA ILE A 45 -15.57 -40.27 -4.18
C ILE A 45 -16.54 -40.55 -5.33
N LYS A 46 -16.19 -40.15 -6.55
CA LYS A 46 -17.06 -40.39 -7.68
C LYS A 46 -17.21 -41.88 -7.97
N HIS A 47 -16.16 -42.66 -7.70
CA HIS A 47 -16.25 -44.10 -7.95
C HIS A 47 -17.10 -44.80 -6.89
N GLU A 48 -16.95 -44.42 -5.63
CA GLU A 48 -17.76 -45.01 -4.57
C GLU A 48 -19.22 -44.62 -4.70
N LEU A 49 -19.48 -43.37 -5.12
CA LEU A 49 -20.86 -42.90 -5.26
C LEU A 49 -21.60 -43.69 -6.34
N PHE A 50 -20.92 -44.01 -7.44
CA PHE A 50 -21.60 -44.68 -8.54
C PHE A 50 -21.78 -46.17 -8.29
N LYS A 51 -20.90 -46.79 -7.49
CA LYS A 51 -21.17 -48.14 -7.02
C LYS A 51 -22.35 -48.16 -6.06
N GLU A 52 -22.42 -47.17 -5.17
CA GLU A 52 -23.52 -47.08 -4.22
C GLU A 52 -24.82 -46.67 -4.89
N ALA A 53 -24.74 -45.94 -6.01
CA ALA A 53 -25.93 -45.47 -6.70
C ALA A 53 -26.77 -46.61 -7.25
N ARG A 54 -26.18 -47.80 -7.43
CA ARG A 54 -26.95 -48.93 -7.92
C ARG A 54 -28.02 -49.36 -6.93
N LYS A 55 -27.85 -49.06 -5.64
CA LYS A 55 -28.83 -49.38 -4.62
C LYS A 55 -29.92 -48.32 -4.48
N TYR A 56 -30.15 -47.53 -5.52
CA TYR A 56 -31.15 -46.47 -5.50
C TYR A 56 -31.93 -46.50 -6.81
N PRO A 57 -33.18 -46.04 -6.79
CA PRO A 57 -34.01 -46.08 -8.00
C PRO A 57 -33.41 -45.31 -9.15
N LEU A 58 -33.88 -45.66 -10.36
CA LEU A 58 -33.53 -44.97 -11.60
C LEU A 58 -32.04 -45.04 -11.90
N HIS A 59 -31.36 -46.09 -11.42
CA HIS A 59 -29.94 -46.24 -11.70
C HIS A 59 -29.66 -46.52 -13.17
N GLN A 60 -30.67 -46.99 -13.92
CA GLN A 60 -30.48 -47.25 -15.35
C GLN A 60 -30.23 -45.96 -16.11
N LEU A 61 -30.73 -44.83 -15.61
CA LEU A 61 -30.53 -43.55 -16.28
C LEU A 61 -29.10 -43.06 -16.17
N LEU A 62 -28.34 -43.54 -15.18
CA LEU A 62 -26.98 -43.07 -14.97
C LEU A 62 -26.05 -43.61 -16.05
N GLN A 63 -25.31 -42.71 -16.69
CA GLN A 63 -24.35 -43.10 -17.71
C GLN A 63 -23.10 -43.68 -17.03
N ASP A 64 -22.01 -43.78 -17.79
CA ASP A 64 -20.76 -44.23 -17.24
C ASP A 64 -20.21 -43.20 -16.26
N GLU A 65 -19.47 -43.69 -15.26
CA GLU A 65 -18.89 -42.80 -14.25
C GLU A 65 -17.94 -41.78 -14.89
N SER A 66 -17.21 -42.19 -15.93
CA SER A 66 -16.25 -41.30 -16.56
C SER A 66 -16.91 -40.15 -17.29
N SER A 67 -18.22 -40.22 -17.56
CA SER A 67 -18.93 -39.18 -18.29
C SER A 67 -19.40 -38.04 -17.40
N TYR A 68 -18.97 -38.00 -16.14
CA TYR A 68 -19.47 -37.02 -15.19
C TYR A 68 -18.32 -36.40 -14.41
N ILE A 69 -18.60 -35.22 -13.85
CA ILE A 69 -17.74 -34.54 -12.89
C ILE A 69 -18.62 -34.00 -11.77
N PHE A 70 -17.99 -33.39 -10.77
CA PHE A 70 -18.71 -32.86 -9.62
C PHE A 70 -18.81 -31.34 -9.70
N VAL A 71 -19.90 -30.81 -9.11
CA VAL A 71 -20.11 -29.38 -8.96
C VAL A 71 -20.67 -29.14 -7.57
N SER A 72 -20.19 -28.09 -6.92
CA SER A 72 -20.71 -27.69 -5.61
C SER A 72 -20.56 -26.18 -5.47
N VAL A 73 -21.04 -25.66 -4.34
CA VAL A 73 -20.94 -24.24 -4.01
C VAL A 73 -19.75 -24.05 -3.10
N THR A 74 -18.84 -23.16 -3.49
CA THR A 74 -17.67 -22.86 -2.67
C THR A 74 -17.99 -21.78 -1.65
N GLN A 75 -17.04 -21.56 -0.73
CA GLN A 75 -17.21 -20.52 0.27
C GLN A 75 -17.21 -19.12 -0.35
N GLU A 76 -16.74 -19.00 -1.59
CA GLU A 76 -16.89 -17.77 -2.35
C GLU A 76 -18.24 -17.67 -3.04
N ALA A 77 -19.20 -18.51 -2.65
CA ALA A 77 -20.53 -18.58 -3.24
C ALA A 77 -20.49 -18.89 -4.73
N GLU A 78 -19.42 -19.52 -5.20
CA GLU A 78 -19.30 -19.84 -6.61
C GLU A 78 -19.77 -21.26 -6.89
N ARG A 79 -20.33 -21.47 -8.08
CA ARG A 79 -20.74 -22.79 -8.54
C ARG A 79 -19.60 -23.38 -9.36
N GLU A 80 -18.65 -23.98 -8.64
CA GLU A 80 -17.40 -24.43 -9.25
C GLU A 80 -17.53 -25.82 -9.83
N GLU A 81 -17.07 -25.99 -11.07
CA GLU A 81 -16.97 -27.30 -11.70
C GLU A 81 -15.60 -27.89 -11.40
N PHE A 82 -15.57 -29.09 -10.84
CA PHE A 82 -14.32 -29.71 -10.41
C PHE A 82 -13.82 -30.61 -11.53
N PHE A 83 -13.04 -30.02 -12.44
CA PHE A 83 -12.47 -30.80 -13.53
C PHE A 83 -11.23 -31.57 -13.09
N ASP A 84 -10.44 -30.99 -12.18
CA ASP A 84 -9.29 -31.68 -11.61
C ASP A 84 -9.80 -32.61 -10.52
N GLU A 85 -10.07 -33.85 -10.88
CA GLU A 85 -10.62 -34.83 -9.96
C GLU A 85 -9.57 -35.45 -9.05
N THR A 86 -8.30 -35.07 -9.20
CA THR A 86 -7.25 -35.52 -8.30
C THR A 86 -7.15 -34.65 -7.05
N ARG A 87 -8.14 -33.82 -6.78
CA ARG A 87 -8.14 -32.93 -5.63
C ARG A 87 -8.89 -33.56 -4.47
N ARG A 88 -8.42 -33.28 -3.26
CA ARG A 88 -9.00 -33.85 -2.05
C ARG A 88 -10.28 -33.12 -1.67
N LEU A 89 -11.13 -33.82 -0.92
CA LEU A 89 -12.40 -33.24 -0.48
C LEU A 89 -12.17 -32.02 0.41
N CYS A 90 -11.16 -32.09 1.28
CA CYS A 90 -10.90 -31.00 2.22
C CYS A 90 -10.26 -29.79 1.58
N ASP A 91 -9.86 -29.88 0.31
CA ASP A 91 -9.22 -28.77 -0.38
C ASP A 91 -10.15 -28.05 -1.34
N LEU A 92 -11.42 -28.44 -1.41
CA LEU A 92 -12.35 -27.84 -2.35
C LEU A 92 -12.96 -26.54 -1.84
N ARG A 93 -12.78 -26.23 -0.56
CA ARG A 93 -13.36 -25.04 0.05
C ARG A 93 -14.88 -25.03 -0.11
N LEU A 94 -15.50 -26.17 0.15
CA LEU A 94 -16.94 -26.30 0.01
C LEU A 94 -17.66 -25.43 1.04
N PHE A 95 -18.78 -24.85 0.62
CA PHE A 95 -19.65 -24.15 1.56
C PHE A 95 -20.34 -25.13 2.49
N GLN A 96 -21.13 -26.04 1.93
CA GLN A 96 -21.77 -27.13 2.64
C GLN A 96 -21.27 -28.45 2.09
N PRO A 97 -21.34 -29.53 2.87
CA PRO A 97 -20.86 -30.84 2.37
C PRO A 97 -21.84 -31.53 1.43
N PHE A 98 -21.89 -31.04 0.20
CA PHE A 98 -22.70 -31.68 -0.84
C PHE A 98 -21.96 -31.59 -2.18
N LEU A 99 -22.31 -32.50 -3.07
CA LEU A 99 -21.72 -32.56 -4.40
C LEU A 99 -22.79 -32.90 -5.42
N LYS A 100 -22.78 -32.19 -6.54
CA LYS A 100 -23.73 -32.43 -7.63
C LYS A 100 -23.00 -33.07 -8.80
N VAL A 101 -23.66 -34.05 -9.42
CA VAL A 101 -23.08 -34.80 -10.54
C VAL A 101 -23.66 -34.24 -11.83
N ILE A 102 -22.78 -33.81 -12.74
CA ILE A 102 -23.17 -33.20 -14.00
C ILE A 102 -22.30 -33.74 -15.13
N GLU A 103 -22.76 -33.53 -16.37
CA GLU A 103 -21.90 -33.75 -17.52
C GLU A 103 -21.10 -32.48 -17.80
N PRO A 104 -19.78 -32.59 -18.03
CA PRO A 104 -18.99 -31.39 -18.31
C PRO A 104 -19.28 -30.85 -19.71
N VAL A 105 -19.65 -29.58 -19.77
CA VAL A 105 -19.98 -28.92 -21.02
C VAL A 105 -19.07 -27.71 -21.20
N GLY A 106 -18.79 -27.36 -22.45
CA GLY A 106 -18.05 -26.15 -22.75
C GLY A 106 -16.58 -26.36 -23.01
N ASN A 107 -15.77 -25.38 -22.60
CA ASN A 107 -14.32 -25.39 -22.83
C ASN A 107 -13.63 -25.81 -21.54
N ARG A 108 -13.05 -27.00 -21.54
CA ARG A 108 -12.41 -27.52 -20.32
C ARG A 108 -11.13 -26.74 -20.00
N GLU A 109 -10.38 -26.35 -21.03
CA GLU A 109 -9.14 -25.60 -20.80
C GLU A 109 -9.46 -24.20 -20.29
N GLU A 110 -10.45 -23.54 -20.88
CA GLU A 110 -10.82 -22.20 -20.43
C GLU A 110 -11.33 -22.22 -19.00
N LYS A 111 -12.05 -23.29 -18.62
CA LYS A 111 -12.61 -23.37 -17.27
C LYS A 111 -11.56 -23.74 -16.24
N ILE A 112 -10.57 -24.57 -16.61
CA ILE A 112 -9.54 -24.95 -15.65
C ILE A 112 -8.60 -23.77 -15.38
N LEU A 113 -8.24 -23.03 -16.43
CA LEU A 113 -7.36 -21.88 -16.25
C LEU A 113 -8.05 -20.80 -15.41
N ASN A 114 -9.32 -20.53 -15.68
CA ASN A 114 -10.05 -19.53 -14.90
C ASN A 114 -10.18 -19.95 -13.44
N ARG A 115 -10.23 -21.25 -13.17
CA ARG A 115 -10.25 -21.73 -11.79
C ARG A 115 -8.93 -21.42 -11.10
N GLU A 116 -7.81 -21.63 -11.80
CA GLU A 116 -6.50 -21.39 -11.20
C GLU A 116 -6.24 -19.91 -11.02
N ILE A 117 -6.67 -19.09 -11.98
CA ILE A 117 -6.55 -17.64 -11.84
C ILE A 117 -7.44 -17.14 -10.71
N GLY A 118 -8.66 -17.68 -10.61
CA GLY A 118 -9.55 -17.26 -9.55
C GLY A 118 -9.03 -17.62 -8.17
N PHE A 119 -8.39 -18.79 -8.06
CA PHE A 119 -7.82 -19.20 -6.78
C PHE A 119 -6.63 -18.33 -6.41
N ALA A 120 -5.84 -17.91 -7.40
CA ALA A 120 -4.65 -17.12 -7.12
C ALA A 120 -5.01 -15.73 -6.61
N ILE A 121 -5.99 -15.08 -7.25
CA ILE A 121 -6.34 -13.71 -6.92
C ILE A 121 -7.30 -13.60 -5.74
N GLY A 122 -7.84 -14.71 -5.25
CA GLY A 122 -8.70 -14.69 -4.09
C GLY A 122 -10.17 -14.48 -4.37
N MET A 123 -10.60 -14.55 -5.63
CA MET A 123 -12.00 -14.37 -5.98
C MET A 123 -12.23 -14.99 -7.36
N PRO A 124 -13.41 -15.55 -7.60
CA PRO A 124 -13.66 -16.16 -8.92
C PRO A 124 -13.71 -15.10 -10.01
N VAL A 125 -13.05 -15.39 -11.13
CA VAL A 125 -13.02 -14.44 -12.24
C VAL A 125 -14.37 -14.31 -12.93
N CYS A 126 -15.31 -15.23 -12.66
CA CYS A 126 -16.64 -15.12 -13.24
C CYS A 126 -17.40 -13.92 -12.71
N GLU A 127 -16.97 -13.35 -11.57
CA GLU A 127 -17.60 -12.14 -11.07
C GLU A 127 -17.26 -10.93 -11.93
N PHE A 128 -16.09 -10.94 -12.56
CA PHE A 128 -15.75 -9.88 -13.51
C PHE A 128 -16.72 -9.87 -14.70
N ASP A 129 -17.21 -11.05 -15.09
CA ASP A 129 -18.14 -11.12 -16.21
C ASP A 129 -19.46 -10.43 -15.89
N MET A 130 -19.86 -10.43 -14.62
CA MET A 130 -21.14 -9.83 -14.23
C MET A 130 -21.08 -8.30 -14.16
N VAL A 131 -19.90 -7.70 -14.28
CA VAL A 131 -19.75 -6.26 -14.15
C VAL A 131 -20.24 -5.60 -15.43
N LYS A 132 -21.29 -4.80 -15.32
CA LYS A 132 -21.84 -4.11 -16.48
C LYS A 132 -21.03 -2.89 -16.89
N ASP A 133 -20.12 -2.43 -16.04
CA ASP A 133 -19.32 -1.25 -16.31
C ASP A 133 -18.55 -1.39 -17.63
N PRO A 134 -18.80 -0.53 -18.62
CA PRO A 134 -18.08 -0.66 -19.90
C PRO A 134 -16.58 -0.53 -19.77
N GLU A 135 -16.09 0.31 -18.84
CA GLU A 135 -14.65 0.46 -18.67
C GLU A 135 -14.00 -0.83 -18.16
N VAL A 136 -14.72 -1.57 -17.30
CA VAL A 136 -14.19 -2.84 -16.80
C VAL A 136 -14.02 -3.83 -17.94
N GLN A 137 -15.03 -3.94 -18.81
CA GLN A 137 -14.95 -4.88 -19.91
C GLN A 137 -13.95 -4.43 -20.96
N ASP A 138 -13.91 -3.13 -21.26
CA ASP A 138 -12.90 -2.61 -22.17
C ASP A 138 -11.50 -2.81 -21.62
N PHE A 139 -11.34 -2.75 -20.29
CA PHE A 139 -10.03 -3.00 -19.71
C PHE A 139 -9.62 -4.46 -19.84
N ARG A 140 -10.55 -5.39 -19.54
CA ARG A 140 -10.22 -6.81 -19.68
C ARG A 140 -9.86 -7.17 -21.10
N ARG A 141 -10.47 -6.52 -22.09
CA ARG A 141 -10.16 -6.80 -23.48
C ARG A 141 -8.89 -6.09 -23.93
N ASN A 142 -8.81 -4.77 -23.71
CA ASN A 142 -7.70 -3.97 -24.22
C ASN A 142 -6.39 -4.22 -23.48
N ILE A 143 -6.42 -4.87 -22.31
CA ILE A 143 -5.17 -5.13 -21.60
C ILE A 143 -4.44 -6.34 -22.17
N LEU A 144 -5.12 -7.18 -22.95
CA LEU A 144 -4.48 -8.33 -23.57
C LEU A 144 -3.41 -7.91 -24.57
N ASN A 145 -3.41 -6.65 -25.01
CA ASN A 145 -2.31 -6.14 -25.80
C ASN A 145 -0.98 -6.32 -25.06
N VAL A 146 -0.95 -5.91 -23.80
CA VAL A 146 0.26 -6.10 -22.98
C VAL A 146 0.55 -7.59 -22.80
N CYS A 147 -0.51 -8.39 -22.61
CA CYS A 147 -0.30 -9.82 -22.40
C CYS A 147 0.27 -10.51 -23.62
N LYS A 148 -0.24 -10.18 -24.82
CA LYS A 148 0.23 -10.83 -26.03
C LYS A 148 1.70 -10.51 -26.30
N GLU A 149 2.07 -9.24 -26.16
CA GLU A 149 3.45 -8.84 -26.45
C GLU A 149 4.44 -9.58 -25.57
N ALA A 150 4.25 -9.50 -24.26
CA ALA A 150 5.24 -10.02 -23.32
C ALA A 150 5.51 -11.50 -23.53
N VAL A 151 4.47 -12.27 -23.88
CA VAL A 151 4.68 -13.68 -24.15
C VAL A 151 5.45 -13.87 -25.45
N ASP A 152 5.27 -12.97 -26.42
CA ASP A 152 6.01 -13.05 -27.67
C ASP A 152 7.50 -12.78 -27.44
N LEU A 153 7.82 -11.69 -26.74
CA LEU A 153 9.21 -11.42 -26.40
C LEU A 153 9.79 -12.51 -25.52
N ARG A 154 8.95 -13.20 -24.74
CA ARG A 154 9.43 -14.24 -23.84
C ARG A 154 9.94 -15.45 -24.62
N ASP A 155 9.21 -15.88 -25.65
CA ASP A 155 9.58 -17.01 -26.46
C ASP A 155 10.18 -16.59 -27.81
N LEU A 156 10.63 -15.33 -27.93
CA LEU A 156 11.15 -14.86 -29.21
C LEU A 156 12.50 -15.49 -29.54
N ASN A 157 13.33 -15.69 -28.53
CA ASN A 157 14.72 -16.08 -28.73
C ASN A 157 15.00 -17.40 -28.05
N SER A 158 14.87 -18.50 -28.81
CA SER A 158 15.45 -19.79 -28.44
C SER A 158 14.97 -20.20 -27.04
N PRO A 159 15.71 -20.95 -26.23
CA PRO A 159 15.34 -21.05 -24.81
C PRO A 159 16.01 -20.02 -23.90
N HIS A 160 16.71 -19.03 -24.46
CA HIS A 160 17.37 -18.01 -23.66
C HIS A 160 16.41 -16.91 -23.22
N SER A 161 15.54 -16.45 -24.13
CA SER A 161 14.61 -15.38 -23.78
C SER A 161 13.63 -15.82 -22.70
N ARG A 162 13.26 -17.10 -22.69
CA ARG A 162 12.42 -17.63 -21.62
C ARG A 162 13.20 -17.83 -20.33
N ALA A 163 14.53 -17.98 -20.41
CA ALA A 163 15.35 -18.05 -19.21
C ALA A 163 15.55 -16.67 -18.59
N MET A 164 15.60 -15.62 -19.42
CA MET A 164 15.65 -14.25 -18.90
C MET A 164 14.40 -13.91 -18.11
N TYR A 165 13.29 -14.61 -18.36
CA TYR A 165 12.06 -14.35 -17.63
C TYR A 165 12.07 -15.03 -16.27
N VAL A 166 12.25 -16.37 -16.25
CA VAL A 166 12.15 -17.11 -15.00
C VAL A 166 13.30 -16.78 -14.06
N TYR A 167 14.51 -16.68 -14.59
CA TYR A 167 15.70 -16.40 -13.79
C TYR A 167 16.38 -15.14 -14.32
N PRO A 168 15.84 -13.95 -14.00
CA PRO A 168 16.47 -12.71 -14.45
C PRO A 168 17.75 -12.44 -13.68
N PRO A 169 18.66 -11.65 -14.24
CA PRO A 169 19.88 -11.31 -13.49
C PRO A 169 19.58 -10.34 -12.37
N ASN A 170 20.18 -10.60 -11.21
CA ASN A 170 20.07 -9.74 -10.03
C ASN A 170 21.31 -8.86 -10.02
N VAL A 171 21.24 -7.73 -10.73
CA VAL A 171 22.39 -6.85 -10.92
C VAL A 171 22.07 -5.45 -10.42
N GLU A 172 23.12 -4.72 -10.05
CA GLU A 172 22.99 -3.32 -9.68
C GLU A 172 22.70 -2.49 -10.92
N SER A 173 22.35 -1.22 -10.70
CA SER A 173 22.02 -0.31 -11.79
C SER A 173 23.25 0.22 -12.52
N SER A 174 24.46 -0.10 -12.06
CA SER A 174 25.67 0.41 -12.70
C SER A 174 26.84 -0.49 -12.33
N PRO A 175 27.75 -0.78 -13.27
CA PRO A 175 28.96 -1.53 -12.92
C PRO A 175 30.04 -0.66 -12.32
N GLU A 176 29.90 0.66 -12.37
CA GLU A 176 30.87 1.58 -11.77
C GLU A 176 31.03 1.27 -10.29
N LEU A 177 32.19 0.79 -9.92
CA LEU A 177 32.46 0.28 -8.59
C LEU A 177 32.85 1.42 -7.66
N PRO A 178 32.20 1.58 -6.51
CA PRO A 178 32.58 2.64 -5.57
C PRO A 178 34.02 2.49 -5.10
N LYS A 179 34.58 3.60 -4.63
CA LYS A 179 36.01 3.63 -4.32
C LYS A 179 36.36 2.69 -3.18
N HIS A 180 35.51 2.63 -2.14
CA HIS A 180 35.85 1.84 -0.97
C HIS A 180 35.62 0.34 -1.17
N ILE A 181 34.74 -0.04 -2.09
CA ILE A 181 34.53 -1.46 -2.36
C ILE A 181 35.65 -2.01 -3.24
N TYR A 182 36.18 -1.20 -4.16
CA TYR A 182 37.24 -1.67 -5.05
C TYR A 182 38.52 -1.94 -4.28
N ASN A 183 38.81 -1.12 -3.25
CA ASN A 183 40.04 -1.28 -2.47
C ASN A 183 40.05 -2.60 -1.69
N LYS A 184 38.97 -3.36 -1.78
CA LYS A 184 38.90 -4.70 -1.22
C LYS A 184 39.31 -5.77 -2.22
N LEU A 185 39.77 -5.37 -3.41
CA LEU A 185 40.25 -6.29 -4.43
C LEU A 185 41.76 -6.15 -4.58
N ASP A 186 42.37 -7.17 -5.18
CA ASP A 186 43.81 -7.18 -5.44
C ASP A 186 44.02 -6.65 -6.85
N LYS A 187 44.13 -5.33 -6.96
CA LYS A 187 44.31 -4.64 -8.24
C LYS A 187 43.19 -4.99 -9.22
N ILE A 190 39.74 -10.64 -7.68
CA ILE A 190 38.56 -11.31 -7.15
C ILE A 190 38.71 -12.82 -7.24
N ILE A 191 38.65 -13.48 -6.09
CA ILE A 191 38.80 -14.93 -6.00
C ILE A 191 37.40 -15.56 -5.94
N VAL A 192 37.07 -16.33 -6.97
CA VAL A 192 35.79 -17.03 -7.06
C VAL A 192 36.06 -18.53 -6.99
N VAL A 193 35.28 -19.23 -6.19
CA VAL A 193 35.42 -20.68 -6.04
C VAL A 193 34.24 -21.32 -6.75
N ILE A 194 34.52 -21.93 -7.90
CA ILE A 194 33.49 -22.55 -8.73
C ILE A 194 33.49 -24.05 -8.45
N TRP A 195 32.34 -24.58 -8.07
CA TRP A 195 32.16 -26.01 -7.82
C TRP A 195 31.28 -26.57 -8.93
N VAL A 196 31.71 -27.68 -9.54
CA VAL A 196 31.06 -28.24 -10.72
C VAL A 196 30.62 -29.65 -10.42
N ILE A 197 29.33 -29.93 -10.63
CA ILE A 197 28.77 -31.27 -10.42
C ILE A 197 29.08 -32.15 -11.62
N VAL A 198 30.20 -32.87 -11.56
CA VAL A 198 30.63 -33.72 -12.66
C VAL A 198 30.09 -35.12 -12.44
N SER A 199 29.31 -35.61 -13.41
CA SER A 199 28.81 -36.97 -13.37
C SER A 199 29.98 -37.96 -13.39
N PRO A 200 29.76 -39.21 -12.96
CA PRO A 200 28.52 -39.88 -12.51
C PRO A 200 28.08 -39.54 -11.09
N ASN A 201 29.03 -39.31 -10.18
CA ASN A 201 28.69 -39.03 -8.80
C ASN A 201 28.04 -37.66 -8.64
N ASN A 202 28.18 -36.78 -9.63
CA ASN A 202 27.64 -35.41 -9.60
C ASN A 202 28.18 -34.61 -8.42
N ASP A 203 29.33 -34.99 -7.88
CA ASP A 203 29.97 -34.23 -6.82
C ASP A 203 30.70 -33.03 -7.40
N LYS A 204 31.13 -32.13 -6.52
CA LYS A 204 31.69 -30.85 -6.90
C LYS A 204 33.14 -30.76 -6.44
N GLN A 205 34.01 -30.30 -7.34
CA GLN A 205 35.42 -30.08 -7.02
C GLN A 205 35.68 -28.59 -6.86
N LYS A 206 36.27 -28.21 -5.72
CA LYS A 206 36.56 -26.81 -5.45
C LYS A 206 37.61 -26.30 -6.41
N TYR A 207 37.26 -25.27 -7.18
CA TYR A 207 38.18 -24.66 -8.15
C TYR A 207 38.20 -23.16 -7.90
N THR A 208 39.34 -22.65 -7.43
CA THR A 208 39.51 -21.24 -7.10
C THR A 208 40.13 -20.51 -8.28
N LEU A 209 39.66 -19.28 -8.50
CA LEU A 209 40.08 -18.48 -9.65
C LEU A 209 40.16 -17.02 -9.27
N LYS A 210 41.29 -16.37 -9.57
CA LYS A 210 41.47 -14.94 -9.39
C LYS A 210 41.32 -14.27 -10.77
N ILE A 211 40.21 -13.55 -10.95
CA ILE A 211 39.82 -13.02 -12.25
C ILE A 211 39.39 -11.56 -12.07
N ASN A 212 39.48 -10.81 -13.16
CA ASN A 212 39.08 -9.41 -13.16
C ASN A 212 37.60 -9.27 -12.82
N HIS A 213 37.28 -8.18 -12.12
CA HIS A 213 35.91 -7.98 -11.65
C HIS A 213 34.97 -7.65 -12.80
N ASP A 214 35.44 -6.88 -13.78
CA ASP A 214 34.61 -6.49 -14.91
C ASP A 214 34.49 -7.59 -15.95
N CYS A 215 34.96 -8.79 -15.66
CA CYS A 215 34.86 -9.89 -16.60
C CYS A 215 33.42 -10.40 -16.67
N VAL A 216 32.86 -10.35 -17.88
CA VAL A 216 31.53 -10.88 -18.19
C VAL A 216 31.44 -12.33 -17.73
N PRO A 217 30.27 -12.84 -17.32
CA PRO A 217 30.18 -14.25 -16.90
C PRO A 217 30.80 -15.22 -17.90
N GLU A 218 30.73 -14.92 -19.19
CA GLU A 218 31.41 -15.76 -20.17
C GLU A 218 32.93 -15.71 -19.99
N GLN A 219 33.48 -14.53 -19.71
CA GLN A 219 34.90 -14.44 -19.41
C GLN A 219 35.28 -15.17 -18.13
N VAL A 220 34.30 -15.53 -17.30
CA VAL A 220 34.59 -16.29 -16.08
C VAL A 220 34.71 -17.78 -16.39
N ILE A 221 33.79 -18.34 -17.19
CA ILE A 221 33.91 -19.74 -17.56
C ILE A 221 35.10 -19.97 -18.48
N ALA A 222 35.60 -18.92 -19.15
CA ALA A 222 36.79 -19.05 -19.97
C ALA A 222 38.00 -19.38 -19.11
N GLU A 223 38.18 -18.66 -18.00
CA GLU A 223 39.29 -18.96 -17.10
C GLU A 223 39.09 -20.28 -16.38
N ALA A 224 37.84 -20.69 -16.16
CA ALA A 224 37.57 -21.98 -15.53
C ALA A 224 38.00 -23.13 -16.44
N ILE A 225 37.82 -22.97 -17.75
CA ILE A 225 38.25 -24.00 -18.68
C ILE A 225 39.76 -23.94 -18.87
N ARG A 226 40.33 -22.74 -18.88
CA ARG A 226 41.78 -22.60 -19.05
C ARG A 226 42.53 -23.16 -17.85
N LYS A 227 41.97 -23.00 -16.65
CA LYS A 227 42.60 -23.53 -15.45
C LYS A 227 42.35 -25.02 -15.28
N LYS A 228 41.34 -25.58 -15.93
CA LYS A 228 41.05 -27.00 -15.84
C LYS A 228 41.69 -27.76 -17.00
N LYS A 253 25.64 -19.99 -11.75
CA LYS A 253 24.56 -19.94 -10.77
C LYS A 253 25.10 -19.78 -9.35
N VAL A 254 24.44 -18.91 -8.57
CA VAL A 254 24.81 -18.75 -7.17
C VAL A 254 24.43 -20.00 -6.41
N CYS A 255 25.39 -20.55 -5.67
CA CYS A 255 25.13 -21.76 -4.88
C CYS A 255 24.15 -21.45 -3.76
N GLY A 256 23.12 -22.29 -3.63
CA GLY A 256 22.15 -22.17 -2.56
C GLY A 256 20.84 -21.52 -2.92
N CYS A 257 20.75 -20.87 -4.08
CA CYS A 257 19.52 -20.21 -4.49
C CYS A 257 19.47 -20.14 -6.01
N ASP A 258 18.32 -19.74 -6.53
CA ASP A 258 18.07 -19.74 -7.98
C ASP A 258 18.28 -18.35 -8.56
N GLU A 259 19.53 -17.90 -8.50
CA GLU A 259 19.99 -16.69 -9.17
C GLU A 259 21.01 -17.10 -10.22
N TYR A 260 20.80 -16.66 -11.46
CA TYR A 260 21.57 -17.13 -12.60
C TYR A 260 22.16 -15.95 -13.37
N PHE A 261 23.47 -16.00 -13.60
CA PHE A 261 24.18 -14.97 -14.37
C PHE A 261 24.10 -15.36 -15.84
N LEU A 262 23.01 -14.98 -16.50
CA LEU A 262 22.77 -15.36 -17.88
C LEU A 262 22.90 -14.21 -18.86
N GLU A 263 23.28 -13.02 -18.39
CA GLU A 263 23.49 -11.87 -19.25
C GLU A 263 24.93 -11.38 -19.10
N LYS A 264 25.42 -10.70 -20.14
CA LYS A 264 26.80 -10.22 -20.17
C LYS A 264 27.01 -8.98 -19.30
N TYR A 265 26.43 -8.94 -18.11
CA TYR A 265 26.75 -7.89 -17.16
C TYR A 265 28.09 -8.18 -16.49
N PRO A 266 28.87 -7.15 -16.18
CA PRO A 266 30.11 -7.37 -15.41
C PRO A 266 29.82 -8.12 -14.12
N LEU A 267 30.73 -9.03 -13.77
CA LEU A 267 30.48 -9.92 -12.63
C LEU A 267 30.27 -9.11 -11.35
N SER A 268 31.10 -8.09 -11.14
CA SER A 268 30.96 -7.27 -9.93
C SER A 268 29.65 -6.49 -9.90
N GLN A 269 28.98 -6.32 -11.04
CA GLN A 269 27.71 -5.63 -11.05
C GLN A 269 26.58 -6.49 -10.49
N TYR A 270 26.71 -7.81 -10.56
CA TYR A 270 25.73 -8.69 -9.95
C TYR A 270 25.66 -8.45 -8.45
N LYS A 271 24.44 -8.43 -7.91
CA LYS A 271 24.25 -8.05 -6.52
C LYS A 271 24.80 -9.08 -5.54
N TYR A 272 24.94 -10.34 -5.97
CA TYR A 272 25.59 -11.32 -5.08
C TYR A 272 27.10 -11.11 -5.06
N ILE A 273 27.71 -10.89 -6.23
CA ILE A 273 29.15 -10.66 -6.28
C ILE A 273 29.50 -9.35 -5.60
N ARG A 274 28.73 -8.29 -5.88
CA ARG A 274 28.98 -7.00 -5.27
C ARG A 274 28.89 -7.09 -3.75
N SER A 275 28.00 -7.93 -3.24
CA SER A 275 27.88 -8.11 -1.80
C SER A 275 29.05 -8.89 -1.22
N CYS A 276 29.61 -9.82 -2.00
CA CYS A 276 30.71 -10.63 -1.50
C CYS A 276 32.00 -9.83 -1.38
N ILE A 277 32.15 -8.77 -2.16
CA ILE A 277 33.37 -7.96 -2.07
C ILE A 277 33.37 -7.15 -0.78
N MET A 278 32.26 -6.46 -0.51
CA MET A 278 32.20 -5.58 0.66
C MET A 278 32.21 -6.38 1.96
N LEU A 279 31.38 -7.41 2.05
CA LEU A 279 31.28 -8.23 3.24
C LEU A 279 32.44 -9.21 3.40
N GLY A 280 33.35 -9.28 2.43
CA GLY A 280 34.26 -10.39 2.48
C GLY A 280 33.52 -11.68 2.13
N ARG A 281 34.12 -12.80 2.53
CA ARG A 281 33.67 -14.15 2.19
C ARG A 281 33.85 -14.39 0.70
N MET A 282 33.82 -15.66 0.30
CA MET A 282 34.18 -15.95 -1.08
C MET A 282 32.94 -16.20 -1.91
N PRO A 283 32.79 -15.52 -3.05
CA PRO A 283 31.63 -15.78 -3.92
C PRO A 283 31.62 -17.21 -4.47
N ASN A 284 31.18 -18.15 -3.63
CA ASN A 284 31.13 -19.56 -3.99
C ASN A 284 30.03 -19.76 -5.03
N LEU A 285 30.40 -19.57 -6.29
CA LEU A 285 29.48 -19.72 -7.40
C LEU A 285 29.48 -21.16 -7.90
N MET A 286 28.69 -21.41 -8.94
CA MET A 286 28.55 -22.75 -9.49
C MET A 286 28.35 -22.66 -11.00
N LEU A 287 28.88 -23.66 -11.71
CA LEU A 287 28.74 -23.77 -13.16
C LEU A 287 28.00 -25.05 -13.52
N MET A 288 27.10 -24.94 -14.48
CA MET A 288 26.33 -26.08 -14.97
C MET A 288 26.09 -25.90 -16.46
N ALA A 289 25.53 -26.93 -17.07
CA ALA A 289 25.25 -26.94 -18.51
C ALA A 289 23.92 -26.27 -18.81
N LYS A 290 23.88 -25.58 -19.96
CA LYS A 290 22.65 -24.91 -20.38
C LYS A 290 21.53 -25.91 -20.61
N GLU A 291 21.84 -27.08 -21.17
CA GLU A 291 20.82 -28.08 -21.45
C GLU A 291 20.17 -28.63 -20.19
N SER A 292 20.82 -28.48 -19.03
CA SER A 292 20.24 -28.96 -17.78
C SER A 292 19.10 -28.06 -17.30
N LEU A 293 19.14 -26.78 -17.63
CA LEU A 293 18.14 -25.81 -17.18
C LEU A 293 17.15 -25.43 -18.27
N TYR A 294 17.62 -25.28 -19.51
CA TYR A 294 16.71 -24.94 -20.61
C TYR A 294 15.63 -26.01 -20.80
N SER A 295 16.00 -27.28 -20.63
CA SER A 295 15.02 -28.36 -20.80
C SER A 295 14.01 -28.38 -19.66
N GLN A 296 14.45 -28.08 -18.45
CA GLN A 296 13.53 -28.02 -17.30
C GLN A 296 12.61 -26.81 -17.35
N LEU A 297 12.76 -25.94 -18.34
CA LEU A 297 11.92 -24.77 -18.49
C LEU A 297 10.72 -25.13 -19.35
N PRO A 298 9.50 -25.11 -18.83
CA PRO A 298 8.33 -25.39 -19.66
C PRO A 298 7.99 -24.23 -20.58
N MET A 299 7.35 -24.55 -21.69
CA MET A 299 6.94 -23.56 -22.67
C MET A 299 5.58 -22.99 -22.28
N ASP A 300 5.48 -21.66 -22.24
CA ASP A 300 4.28 -20.96 -21.86
C ASP A 300 3.58 -20.39 -23.09
N CYS A 301 2.24 -20.32 -23.01
CA CYS A 301 1.43 -19.81 -24.10
C CYS A 301 0.27 -19.03 -23.53
N PHE A 302 0.05 -17.82 -24.07
CA PHE A 302 -1.11 -17.02 -23.72
C PHE A 302 -2.27 -17.44 -24.60
N THR A 303 -3.38 -17.82 -23.98
CA THR A 303 -4.58 -18.24 -24.68
C THR A 303 -5.61 -17.13 -24.57
N MET A 304 -5.92 -16.49 -25.69
CA MET A 304 -6.91 -15.42 -25.74
C MET A 304 -8.22 -15.87 -25.11
N PRO A 305 -8.69 -15.21 -24.06
CA PRO A 305 -9.80 -15.77 -23.27
C PRO A 305 -11.15 -15.68 -23.96
N SER A 306 -12.19 -16.15 -23.27
CA SER A 306 -13.54 -16.20 -23.83
C SER A 306 -14.29 -14.88 -23.74
N TYR A 307 -13.74 -13.87 -23.07
CA TYR A 307 -14.35 -12.56 -23.06
C TYR A 307 -13.77 -11.61 -24.11
N SER A 308 -12.61 -11.96 -24.68
CA SER A 308 -12.07 -11.18 -25.79
C SER A 308 -12.96 -11.27 -27.02
N ARG A 309 -13.66 -12.38 -27.18
CA ARG A 309 -14.59 -12.57 -28.29
C ARG A 309 -16.03 -12.41 -27.79
N ARG A 310 -16.36 -11.16 -27.49
CA ARG A 310 -17.69 -10.78 -27.03
C ARG A 310 -17.93 -9.32 -27.42
N ILE A 311 -19.02 -8.74 -26.92
CA ILE A 311 -19.34 -7.35 -27.19
C ILE A 311 -18.23 -6.43 -26.68
N SER A 323 -21.44 13.25 -33.92
CA SER A 323 -22.35 14.18 -33.26
C SER A 323 -21.87 14.49 -31.84
N THR A 324 -20.65 15.00 -31.74
CA THR A 324 -20.08 15.40 -30.46
C THR A 324 -19.71 16.88 -30.50
N LYS A 325 -19.59 17.47 -29.32
CA LYS A 325 -19.14 18.84 -29.15
C LYS A 325 -17.84 18.86 -28.36
N SER A 326 -17.05 19.90 -28.58
CA SER A 326 -15.81 20.08 -27.85
C SER A 326 -16.07 20.88 -26.59
N LEU A 327 -15.37 20.50 -25.51
CA LEU A 327 -15.55 21.16 -24.22
C LEU A 327 -15.34 22.67 -24.33
N TRP A 328 -14.47 23.10 -25.25
CA TRP A 328 -14.18 24.52 -25.44
C TRP A 328 -15.27 25.26 -26.21
N VAL A 329 -16.34 24.56 -26.62
CA VAL A 329 -17.47 25.20 -27.28
C VAL A 329 -18.62 25.46 -26.31
N ILE A 330 -18.60 24.86 -25.13
CA ILE A 330 -19.61 25.11 -24.11
C ILE A 330 -19.31 26.43 -23.43
N ASN A 331 -20.19 27.41 -23.59
CA ASN A 331 -20.02 28.74 -23.00
C ASN A 331 -20.93 28.89 -21.79
N SER A 332 -20.60 28.16 -20.72
CA SER A 332 -21.34 28.25 -19.47
C SER A 332 -20.44 27.81 -18.34
N ALA A 333 -20.85 28.11 -17.12
CA ALA A 333 -20.11 27.70 -15.93
C ALA A 333 -20.47 26.27 -15.54
N LEU A 334 -19.65 25.70 -14.66
CA LEU A 334 -19.89 24.34 -14.20
C LEU A 334 -20.92 24.33 -13.08
N ARG A 335 -21.91 23.45 -13.19
CA ARG A 335 -22.91 23.32 -12.14
C ARG A 335 -23.36 21.86 -12.05
N ILE A 336 -23.52 21.38 -10.82
CA ILE A 336 -23.91 20.01 -10.54
C ILE A 336 -25.09 20.03 -9.58
N LYS A 337 -26.09 19.20 -9.87
CA LYS A 337 -27.33 19.18 -9.10
C LYS A 337 -27.30 18.03 -8.10
N ILE A 338 -27.34 18.36 -6.81
CA ILE A 338 -27.42 17.36 -5.75
C ILE A 338 -28.90 17.07 -5.51
N LEU A 339 -29.34 15.87 -5.91
CA LEU A 339 -30.74 15.51 -5.80
C LEU A 339 -31.11 15.13 -4.36
N CYS A 340 -30.76 13.91 -3.96
CA CYS A 340 -31.14 13.42 -2.63
C CYS A 340 -30.24 12.25 -2.26
N ALA A 341 -30.29 11.89 -0.98
CA ALA A 341 -29.60 10.72 -0.45
C ALA A 341 -30.60 9.82 0.24
N THR A 342 -30.26 8.53 0.32
CA THR A 342 -31.18 7.56 0.91
C THR A 342 -31.23 7.69 2.42
N TYR A 343 -30.09 7.53 3.09
CA TYR A 343 -30.07 7.58 4.55
C TYR A 343 -28.67 7.94 5.02
N VAL A 344 -28.59 8.35 6.29
CA VAL A 344 -27.34 8.53 7.00
C VAL A 344 -27.53 7.99 8.41
N ASN A 345 -26.42 7.57 9.03
CA ASN A 345 -26.44 6.97 10.36
C ASN A 345 -25.95 7.99 11.37
N VAL A 346 -26.89 8.70 12.00
CA VAL A 346 -26.58 9.66 13.04
C VAL A 346 -27.83 9.91 13.88
N ASN A 347 -27.72 9.81 15.19
CA ASN A 347 -28.86 10.06 16.06
C ASN A 347 -29.18 11.55 16.06
N ILE A 348 -30.46 11.88 15.86
CA ILE A 348 -30.87 13.27 15.70
C ILE A 348 -30.72 14.09 16.98
N ARG A 349 -30.53 13.44 18.12
CA ARG A 349 -30.41 14.18 19.38
C ARG A 349 -29.05 14.86 19.51
N ASP A 350 -28.03 14.32 18.86
CA ASP A 350 -26.67 14.85 18.97
C ASP A 350 -26.27 15.76 17.82
N ILE A 351 -26.99 15.73 16.70
CA ILE A 351 -26.60 16.47 15.50
C ILE A 351 -27.77 17.36 15.06
N ASP A 352 -27.43 18.58 14.63
CA ASP A 352 -28.43 19.55 14.17
C ASP A 352 -28.94 19.23 12.77
N LYS A 353 -28.13 19.52 11.75
CA LYS A 353 -28.53 19.37 10.36
C LYS A 353 -27.48 18.54 9.61
N ILE A 354 -27.78 18.24 8.34
CA ILE A 354 -26.83 17.59 7.45
C ILE A 354 -26.80 18.36 6.13
N TYR A 355 -25.71 18.20 5.39
CA TYR A 355 -25.55 18.85 4.11
C TYR A 355 -24.52 18.10 3.28
N VAL A 356 -24.58 18.29 1.97
CA VAL A 356 -23.66 17.67 1.04
C VAL A 356 -22.59 18.70 0.68
N ARG A 357 -21.36 18.45 1.10
CA ARG A 357 -20.23 19.30 0.76
C ARG A 357 -19.55 18.77 -0.50
N THR A 358 -19.35 19.64 -1.48
CA THR A 358 -18.74 19.26 -2.75
C THR A 358 -17.53 20.14 -3.03
N GLY A 359 -16.78 19.75 -4.06
CA GLY A 359 -15.61 20.48 -4.48
C GLY A 359 -15.02 19.95 -5.78
N ILE A 360 -14.56 20.85 -6.64
CA ILE A 360 -13.92 20.49 -7.90
C ILE A 360 -12.42 20.46 -7.67
N TYR A 361 -11.81 19.29 -7.86
CA TYR A 361 -10.42 19.07 -7.46
C TYR A 361 -9.57 18.62 -8.64
N HIS A 362 -8.31 19.04 -8.64
CA HIS A 362 -7.29 18.58 -9.56
C HIS A 362 -6.17 18.00 -8.71
N GLY A 363 -6.19 16.69 -8.52
CA GLY A 363 -5.27 16.09 -7.56
C GLY A 363 -5.69 16.48 -6.15
N GLY A 364 -4.75 17.01 -5.37
CA GLY A 364 -5.06 17.45 -4.03
C GLY A 364 -5.53 18.87 -3.90
N GLU A 365 -5.44 19.68 -4.98
CA GLU A 365 -5.85 21.06 -4.83
C GLU A 365 -7.22 21.30 -5.46
N PRO A 366 -8.01 22.20 -4.87
CA PRO A 366 -9.30 22.55 -5.48
C PRO A 366 -9.13 23.53 -6.63
N LEU A 367 -9.85 23.27 -7.72
CA LEU A 367 -9.84 24.18 -8.85
C LEU A 367 -10.69 25.42 -8.58
N CYS A 368 -11.52 25.39 -7.55
CA CYS A 368 -12.37 26.51 -7.18
C CYS A 368 -12.79 26.31 -5.73
N ASP A 369 -13.54 27.28 -5.21
CA ASP A 369 -14.00 27.21 -3.83
C ASP A 369 -15.00 26.08 -3.66
N ASN A 370 -14.91 25.39 -2.52
CA ASN A 370 -15.87 24.33 -2.22
C ASN A 370 -17.27 24.91 -2.10
N VAL A 371 -18.25 24.16 -2.58
CA VAL A 371 -19.64 24.59 -2.61
C VAL A 371 -20.48 23.61 -1.81
N ASN A 372 -21.20 24.11 -0.81
CA ASN A 372 -22.08 23.31 0.00
C ASN A 372 -23.52 23.45 -0.48
N THR A 373 -24.31 22.41 -0.23
CA THR A 373 -25.75 22.52 -0.39
C THR A 373 -26.35 23.20 0.84
N GLN A 374 -27.67 23.38 0.84
CA GLN A 374 -28.33 23.90 2.02
C GLN A 374 -28.37 22.82 3.10
N ARG A 375 -28.67 23.24 4.33
CA ARG A 375 -28.71 22.34 5.47
C ARG A 375 -30.14 21.82 5.66
N VAL A 376 -30.27 20.50 5.76
CA VAL A 376 -31.58 19.85 5.88
C VAL A 376 -31.54 18.90 7.08
N PRO A 377 -32.70 18.52 7.60
CA PRO A 377 -32.72 17.53 8.68
C PRO A 377 -32.18 16.19 8.21
N CYS A 378 -31.62 15.43 9.16
CA CYS A 378 -31.09 14.11 8.84
C CYS A 378 -32.18 13.18 8.33
N SER A 379 -33.42 13.41 8.74
CA SER A 379 -34.53 12.54 8.36
C SER A 379 -35.05 12.82 6.95
N ASN A 380 -34.73 13.98 6.38
CA ASN A 380 -35.16 14.34 5.03
C ASN A 380 -33.94 14.67 4.17
N PRO A 381 -33.15 13.66 3.80
CA PRO A 381 -31.97 13.93 2.98
C PRO A 381 -32.32 14.25 1.53
N ARG A 382 -32.96 15.40 1.31
CA ARG A 382 -33.35 15.86 -0.02
C ARG A 382 -32.90 17.30 -0.19
N TRP A 383 -32.35 17.60 -1.37
CA TRP A 383 -31.88 18.96 -1.65
C TRP A 383 -32.47 19.48 -2.95
N ASN A 384 -32.32 18.72 -4.04
CA ASN A 384 -32.81 19.11 -5.37
C ASN A 384 -32.34 20.52 -5.71
N GLU A 385 -31.02 20.68 -5.70
CA GLU A 385 -30.40 22.00 -5.69
C GLU A 385 -29.17 22.01 -6.59
N TRP A 386 -29.12 22.99 -7.49
CA TRP A 386 -27.95 23.17 -8.35
C TRP A 386 -26.85 23.89 -7.59
N LEU A 387 -25.65 23.35 -7.63
CA LEU A 387 -24.47 23.98 -7.05
C LEU A 387 -23.67 24.63 -8.17
N ASN A 388 -23.44 25.94 -8.06
CA ASN A 388 -22.73 26.70 -9.08
C ASN A 388 -21.28 26.86 -8.66
N TYR A 389 -20.37 26.32 -9.46
CA TYR A 389 -18.94 26.39 -9.18
C TYR A 389 -18.30 27.53 -9.98
N ASP A 390 -17.31 28.18 -9.38
CA ASP A 390 -16.63 29.31 -9.99
C ASP A 390 -15.53 28.79 -10.92
N ILE A 391 -15.95 28.18 -12.02
CA ILE A 391 -15.02 27.72 -13.05
C ILE A 391 -15.72 27.66 -14.41
N TYR A 392 -15.09 28.26 -15.41
CA TYR A 392 -15.57 28.14 -16.79
C TYR A 392 -15.42 26.70 -17.25
N ILE A 393 -16.46 26.16 -17.90
CA ILE A 393 -16.43 24.76 -18.31
C ILE A 393 -15.27 24.45 -19.25
N PRO A 394 -14.96 25.26 -20.27
CA PRO A 394 -13.77 24.96 -21.08
C PRO A 394 -12.46 25.01 -20.29
N ASP A 395 -12.42 25.72 -19.17
CA ASP A 395 -11.22 25.75 -18.34
C ASP A 395 -11.01 24.46 -17.55
N LEU A 396 -11.99 23.57 -17.54
CA LEU A 396 -11.89 22.34 -16.76
C LEU A 396 -10.74 21.48 -17.28
N PRO A 397 -9.75 21.16 -16.45
CA PRO A 397 -8.64 20.31 -16.91
C PRO A 397 -9.10 18.88 -17.16
N ARG A 398 -8.21 18.11 -17.78
CA ARG A 398 -8.56 16.75 -18.19
C ARG A 398 -8.84 15.86 -16.98
N ALA A 399 -8.12 16.07 -15.88
CA ALA A 399 -8.24 15.25 -14.69
C ALA A 399 -9.15 15.90 -13.63
N ALA A 400 -10.08 16.75 -14.06
CA ALA A 400 -10.99 17.38 -13.11
C ALA A 400 -11.89 16.35 -12.45
N ARG A 401 -12.02 16.44 -11.13
CA ARG A 401 -12.77 15.48 -10.35
C ARG A 401 -13.74 16.18 -9.43
N LEU A 402 -14.89 15.53 -9.18
CA LEU A 402 -15.85 15.98 -8.19
C LEU A 402 -15.60 15.20 -6.90
N CYS A 403 -15.33 15.93 -5.82
CA CYS A 403 -15.13 15.34 -4.50
C CYS A 403 -16.24 15.84 -3.59
N LEU A 404 -16.99 14.91 -3.00
CA LEU A 404 -18.13 15.27 -2.19
C LEU A 404 -18.21 14.38 -0.96
N SER A 405 -19.11 14.76 -0.05
CA SER A 405 -19.35 13.99 1.17
C SER A 405 -20.64 14.52 1.80
N ILE A 406 -21.24 13.69 2.65
CA ILE A 406 -22.37 14.10 3.47
C ILE A 406 -21.83 14.39 4.86
N CYS A 407 -22.06 15.62 5.33
CA CYS A 407 -21.52 16.07 6.61
C CYS A 407 -22.65 16.41 7.57
N SER A 408 -22.37 16.20 8.86
CA SER A 408 -23.26 16.62 9.94
C SER A 408 -22.71 17.88 10.57
N VAL A 409 -23.55 18.92 10.63
CA VAL A 409 -23.18 20.20 11.25
C VAL A 409 -23.97 20.34 12.53
N LYS A 410 -23.25 20.62 13.62
CA LYS A 410 -23.83 20.74 14.96
C LYS A 410 -23.21 21.95 15.64
N GLY A 411 -24.05 22.82 16.19
CA GLY A 411 -23.59 24.03 16.84
C GLY A 411 -24.21 24.26 18.21
N ARG A 412 -24.01 23.32 19.12
CA ARG A 412 -24.60 23.40 20.44
C ARG A 412 -23.67 24.01 21.48
N LYS A 413 -22.41 24.27 21.13
CA LYS A 413 -21.42 24.77 22.07
C LYS A 413 -20.69 25.96 21.47
N GLY A 414 -20.69 27.06 22.20
CA GLY A 414 -20.02 28.27 21.80
C GLY A 414 -20.42 28.78 20.42
N ALA A 415 -19.57 29.67 19.91
CA ALA A 415 -19.79 30.22 18.58
C ALA A 415 -19.37 29.24 17.49
N LYS A 416 -18.43 28.35 17.79
CA LYS A 416 -17.93 27.41 16.79
C LYS A 416 -18.88 26.22 16.69
N GLU A 417 -19.18 25.83 15.46
CA GLU A 417 -19.99 24.65 15.19
C GLU A 417 -19.12 23.55 14.60
N GLU A 418 -19.36 22.31 15.02
CA GLU A 418 -18.53 21.18 14.65
C GLU A 418 -19.13 20.44 13.46
N HIS A 419 -18.31 20.22 12.44
CA HIS A 419 -18.68 19.45 11.27
C HIS A 419 -17.99 18.09 11.30
N CYS A 420 -18.72 17.05 10.87
CA CYS A 420 -18.16 15.71 10.82
C CYS A 420 -18.55 15.06 9.51
N PRO A 421 -17.58 14.54 8.75
CA PRO A 421 -17.94 13.79 7.53
C PRO A 421 -18.54 12.45 7.89
N LEU A 422 -19.66 12.13 7.25
CA LEU A 422 -20.37 10.88 7.52
C LEU A 422 -20.12 9.82 6.46
N ALA A 423 -19.95 10.23 5.21
CA ALA A 423 -19.66 9.34 4.08
C ALA A 423 -19.21 10.19 2.91
N TRP A 424 -18.29 9.66 2.12
CA TRP A 424 -17.65 10.44 1.06
C TRP A 424 -17.76 9.71 -0.27
N GLY A 425 -17.46 10.44 -1.35
CA GLY A 425 -17.47 9.89 -2.68
C GLY A 425 -16.83 10.81 -3.70
N ASN A 426 -16.05 10.24 -4.62
CA ASN A 426 -15.40 11.00 -5.68
C ASN A 426 -15.76 10.39 -7.03
N ILE A 427 -15.82 11.24 -8.06
CA ILE A 427 -16.11 10.79 -9.40
C ILE A 427 -15.35 11.66 -10.39
N ASN A 428 -14.91 11.05 -11.49
CA ASN A 428 -14.21 11.78 -12.53
C ASN A 428 -15.21 12.47 -13.44
N LEU A 429 -15.05 13.79 -13.60
CA LEU A 429 -15.93 14.55 -14.48
C LEU A 429 -15.78 14.16 -15.94
N PHE A 430 -14.74 13.41 -16.29
CA PHE A 430 -14.59 12.79 -17.60
C PHE A 430 -14.41 11.29 -17.42
N ASP A 431 -15.12 10.50 -18.23
CA ASP A 431 -14.93 9.07 -18.19
C ASP A 431 -13.67 8.69 -18.97
N TYR A 432 -13.41 7.39 -19.07
CA TYR A 432 -12.20 6.91 -19.72
C TYR A 432 -12.19 7.17 -21.23
N THR A 433 -13.29 7.64 -21.80
CA THR A 433 -13.36 7.95 -23.23
C THR A 433 -13.37 9.45 -23.49
N ASP A 434 -12.90 10.25 -22.54
CA ASP A 434 -12.80 11.71 -22.65
C ASP A 434 -14.17 12.38 -22.75
N THR A 435 -15.24 11.69 -22.37
CA THR A 435 -16.58 12.25 -22.42
C THR A 435 -16.89 12.95 -21.10
N LEU A 436 -17.35 14.20 -21.18
CA LEU A 436 -17.82 14.88 -19.99
C LEU A 436 -19.10 14.22 -19.49
N VAL A 437 -19.18 14.01 -18.17
CA VAL A 437 -20.31 13.31 -17.59
C VAL A 437 -21.57 14.16 -17.74
N SER A 438 -22.66 13.51 -18.16
CA SER A 438 -23.95 14.16 -18.31
C SER A 438 -25.05 13.24 -17.81
N GLY A 439 -26.19 13.82 -17.50
CA GLY A 439 -27.32 13.05 -17.00
C GLY A 439 -27.29 12.89 -15.50
N LYS A 440 -28.15 11.98 -15.03
CA LYS A 440 -28.27 11.69 -13.61
C LYS A 440 -27.37 10.52 -13.22
N MET A 441 -27.00 10.47 -11.94
CA MET A 441 -26.04 9.50 -11.45
C MET A 441 -26.37 9.13 -10.02
N ALA A 442 -26.24 7.83 -9.72
CA ALA A 442 -26.39 7.31 -8.37
C ALA A 442 -25.03 6.85 -7.85
N LEU A 443 -24.65 7.33 -6.67
CA LEU A 443 -23.33 7.08 -6.11
C LEU A 443 -23.47 6.59 -4.67
N ASN A 444 -23.13 5.33 -4.44
CA ASN A 444 -23.06 4.79 -3.08
C ASN A 444 -21.76 5.25 -2.43
N LEU A 445 -21.87 5.81 -1.24
CA LEU A 445 -20.74 6.47 -0.59
C LEU A 445 -19.96 5.49 0.29
N TRP A 446 -18.72 5.90 0.64
CA TRP A 446 -17.73 5.15 1.40
C TRP A 446 -17.68 5.62 2.86
N PRO A 447 -17.32 4.74 3.78
CA PRO A 447 -17.08 5.18 5.16
C PRO A 447 -15.87 6.09 5.24
N VAL A 448 -15.91 7.03 6.17
CA VAL A 448 -14.79 7.93 6.39
C VAL A 448 -13.64 7.13 6.98
N PRO A 449 -12.47 7.10 6.33
CA PRO A 449 -11.37 6.29 6.85
C PRO A 449 -10.90 6.78 8.20
N HIS A 450 -10.38 5.85 9.01
CA HIS A 450 -9.96 6.17 10.37
C HIS A 450 -8.82 7.18 10.36
N GLY A 451 -9.00 8.26 11.12
CA GLY A 451 -8.01 9.30 11.25
C GLY A 451 -8.27 10.51 10.37
N LEU A 452 -8.96 10.34 9.25
CA LEU A 452 -9.26 11.46 8.37
C LEU A 452 -10.22 12.42 9.05
N GLU A 453 -9.80 13.67 9.19
CA GLU A 453 -10.62 14.69 9.83
C GLU A 453 -11.15 15.73 8.86
N ASP A 454 -10.65 15.76 7.63
CA ASP A 454 -11.16 16.69 6.63
C ASP A 454 -12.58 16.32 6.22
N LEU A 455 -13.38 17.34 5.89
CA LEU A 455 -14.75 17.10 5.47
C LEU A 455 -14.83 16.44 4.10
N LEU A 456 -13.79 16.54 3.28
CA LEU A 456 -13.72 15.90 1.99
C LEU A 456 -12.51 14.97 1.95
N ASN A 457 -12.57 13.97 1.06
CA ASN A 457 -11.51 12.98 0.88
C ASN A 457 -11.05 13.02 -0.57
N PRO A 458 -10.29 14.05 -0.95
CA PRO A 458 -9.87 14.15 -2.37
C PRO A 458 -8.90 13.05 -2.78
N ILE A 459 -8.12 12.51 -1.84
CA ILE A 459 -7.17 11.45 -2.18
C ILE A 459 -7.84 10.10 -2.31
N GLY A 460 -9.09 9.96 -1.86
CA GLY A 460 -9.78 8.69 -1.96
C GLY A 460 -10.07 8.30 -3.38
N VAL A 461 -10.35 7.00 -3.57
CA VAL A 461 -10.57 6.48 -4.92
C VAL A 461 -11.89 7.00 -5.47
N THR A 462 -12.02 6.92 -6.79
CA THR A 462 -13.21 7.36 -7.50
C THR A 462 -14.11 6.17 -7.80
N GLY A 463 -15.39 6.46 -8.02
CA GLY A 463 -16.38 5.45 -8.32
C GLY A 463 -17.29 5.18 -7.13
N SER A 464 -18.30 4.35 -7.39
CA SER A 464 -19.32 4.03 -6.40
C SER A 464 -18.87 2.87 -5.51
N ASN A 465 -19.40 2.87 -4.29
CA ASN A 465 -19.16 1.77 -3.36
C ASN A 465 -19.94 0.55 -3.83
N PRO A 466 -19.30 -0.59 -4.09
CA PRO A 466 -20.06 -1.78 -4.49
C PRO A 466 -20.99 -2.29 -3.40
N ASN A 467 -20.73 -1.98 -2.14
CA ASN A 467 -21.66 -2.32 -1.05
C ASN A 467 -22.87 -1.39 -1.15
N LYS A 468 -23.97 -1.91 -1.68
CA LYS A 468 -25.17 -1.10 -1.86
C LYS A 468 -25.96 -0.90 -0.58
N GLU A 469 -25.54 -1.52 0.53
CA GLU A 469 -26.12 -1.27 1.84
C GLU A 469 -25.42 -0.11 2.53
N THR A 470 -25.24 0.96 1.77
CA THR A 470 -24.55 2.18 2.20
C THR A 470 -25.37 3.37 1.75
N PRO A 471 -25.08 4.55 2.28
CA PRO A 471 -25.76 5.76 1.79
C PRO A 471 -25.53 5.95 0.30
N CYS A 472 -26.62 6.23 -0.41
CA CYS A 472 -26.59 6.41 -1.86
C CYS A 472 -27.05 7.82 -2.20
N LEU A 473 -26.19 8.58 -2.86
CA LEU A 473 -26.47 9.96 -3.25
C LEU A 473 -26.78 10.01 -4.74
N GLU A 474 -27.80 10.79 -5.10
CA GLU A 474 -28.23 10.94 -6.48
C GLU A 474 -27.85 12.32 -6.99
N LEU A 475 -27.19 12.37 -8.14
CA LEU A 475 -26.72 13.61 -8.75
C LEU A 475 -27.38 13.79 -10.11
N GLU A 476 -27.10 14.93 -10.73
CA GLU A 476 -27.54 15.20 -12.09
C GLU A 476 -26.56 16.15 -12.74
N PHE A 477 -25.94 15.70 -13.83
CA PHE A 477 -25.04 16.54 -14.61
C PHE A 477 -25.78 17.13 -15.80
N ASP A 478 -25.28 18.26 -16.28
CA ASP A 478 -25.98 19.01 -17.32
C ASP A 478 -25.80 18.35 -18.69
N TRP A 479 -26.77 18.60 -19.56
CA TRP A 479 -26.78 18.07 -20.92
C TRP A 479 -26.60 19.22 -21.91
N PHE A 480 -25.81 18.99 -22.95
CA PHE A 480 -25.41 20.05 -23.87
C PHE A 480 -25.72 19.68 -25.32
N SER A 481 -26.93 19.15 -25.55
CA SER A 481 -27.47 18.86 -26.87
C SER A 481 -26.74 17.72 -27.59
N SER A 482 -25.60 17.29 -27.05
CA SER A 482 -24.87 16.16 -27.63
C SER A 482 -23.85 15.68 -26.61
N VAL A 483 -23.06 14.68 -27.02
CA VAL A 483 -21.99 14.17 -26.17
C VAL A 483 -20.84 15.16 -26.15
N VAL A 484 -20.42 15.54 -24.95
CA VAL A 484 -19.33 16.49 -24.78
C VAL A 484 -18.03 15.72 -24.59
N LYS A 485 -17.08 15.95 -25.48
CA LYS A 485 -15.79 15.29 -25.46
C LYS A 485 -14.68 16.30 -25.16
N PHE A 486 -13.61 15.82 -24.55
CA PHE A 486 -12.43 16.65 -24.34
C PHE A 486 -11.72 16.86 -25.69
N PRO A 487 -11.24 18.06 -25.97
CA PRO A 487 -10.66 18.34 -27.29
C PRO A 487 -9.42 17.50 -27.56
N ASP A 488 -9.16 17.28 -28.85
CA ASP A 488 -8.01 16.48 -29.27
C ASP A 488 -6.71 17.24 -29.00
N MET A 489 -5.62 16.46 -28.93
CA MET A 489 -4.30 17.05 -28.73
C MET A 489 -3.90 17.97 -29.87
N SER A 490 -4.47 17.77 -31.05
CA SER A 490 -4.23 18.72 -32.14
C SER A 490 -4.86 20.07 -31.83
N VAL A 491 -6.02 20.08 -31.19
CA VAL A 491 -6.65 21.33 -30.78
C VAL A 491 -5.96 21.93 -29.56
N ILE A 492 -5.31 21.10 -28.74
CA ILE A 492 -4.58 21.63 -27.59
C ILE A 492 -3.39 22.47 -28.05
N GLU A 493 -2.58 21.91 -28.96
CA GLU A 493 -1.44 22.66 -29.49
C GLU A 493 -1.88 23.89 -30.26
N GLU A 494 -3.10 23.91 -30.79
CA GLU A 494 -3.60 25.09 -31.48
C GLU A 494 -3.72 26.27 -30.52
N HIS A 495 -4.38 26.06 -29.38
CA HIS A 495 -4.54 27.14 -28.41
C HIS A 495 -3.21 27.52 -27.76
N ALA A 496 -2.30 26.55 -27.63
CA ALA A 496 -1.00 26.85 -27.03
C ALA A 496 -0.14 27.71 -27.95
N ASN A 497 -0.16 27.42 -29.25
CA ASN A 497 0.62 28.22 -30.20
C ASN A 497 0.05 29.62 -30.34
N TRP A 498 -1.25 29.81 -30.09
CA TRP A 498 -1.83 31.14 -30.11
C TRP A 498 -1.54 31.91 -28.82
N SER A 499 -1.49 31.21 -27.68
CA SER A 499 -1.25 31.90 -26.42
C SER A 499 0.21 32.31 -26.28
N VAL A 500 1.13 31.48 -26.78
CA VAL A 500 2.55 31.85 -26.72
C VAL A 500 2.83 33.05 -27.62
N SER A 501 2.05 33.22 -28.69
CA SER A 501 2.22 34.35 -29.59
C SER A 501 1.56 35.60 -29.03
N ASN A 521 19.11 34.78 -23.35
CA ASN A 521 18.26 35.83 -23.92
C ASN A 521 17.08 36.14 -23.01
N GLU A 522 16.91 37.42 -22.67
CA GLU A 522 15.87 37.88 -21.76
C GLU A 522 15.97 37.17 -20.40
N LEU A 523 17.20 36.96 -19.95
CA LEU A 523 17.45 36.29 -18.67
C LEU A 523 18.57 37.03 -17.95
N ARG A 524 18.62 36.82 -16.64
CA ARG A 524 19.64 37.43 -15.79
C ARG A 524 20.41 36.36 -15.04
N GLU A 525 21.63 36.70 -14.62
CA GLU A 525 22.52 35.72 -14.01
C GLU A 525 21.92 35.14 -12.74
N ASN A 526 21.50 36.02 -11.81
CA ASN A 526 20.94 35.53 -10.55
C ASN A 526 19.58 34.87 -10.76
N ASP A 527 18.80 35.34 -11.73
CA ASP A 527 17.53 34.69 -12.03
C ASP A 527 17.73 33.23 -12.42
N LYS A 528 18.76 32.94 -13.21
CA LYS A 528 19.09 31.56 -13.50
C LYS A 528 19.55 30.82 -12.24
N GLU A 529 20.20 31.53 -11.31
CA GLU A 529 20.62 30.91 -10.06
C GLU A 529 19.44 30.68 -9.11
N GLN A 530 18.44 31.57 -9.15
CA GLN A 530 17.25 31.35 -8.34
C GLN A 530 16.42 30.18 -8.87
N LEU A 531 16.39 30.00 -10.19
CA LEU A 531 15.72 28.84 -10.76
C LEU A 531 16.37 27.54 -10.29
N LYS A 532 17.70 27.51 -10.28
CA LYS A 532 18.40 26.31 -9.80
C LYS A 532 18.11 26.06 -8.32
N ALA A 533 18.02 27.14 -7.53
CA ALA A 533 17.74 26.98 -6.11
C ALA A 533 16.32 26.46 -5.88
N ILE A 534 15.38 26.82 -6.75
CA ILE A 534 14.01 26.34 -6.60
C ILE A 534 13.93 24.85 -6.91
N SER A 535 14.64 24.42 -7.96
CA SER A 535 14.60 23.01 -8.34
C SER A 535 15.20 22.10 -7.27
N THR A 536 16.19 22.60 -6.53
CA THR A 536 16.86 21.80 -5.50
C THR A 536 16.03 21.65 -4.24
N ARG A 537 14.96 22.42 -4.08
CA ARG A 537 14.17 22.34 -2.86
C ARG A 537 13.44 21.01 -2.76
N ASP A 538 12.97 20.70 -1.56
CA ASP A 538 12.25 19.46 -1.34
C ASP A 538 10.83 19.56 -1.89
N PRO A 539 10.23 18.43 -2.27
CA PRO A 539 8.90 18.49 -2.93
C PRO A 539 7.82 19.10 -2.06
N LEU A 540 8.00 19.17 -0.75
CA LEU A 540 7.00 19.75 0.15
C LEU A 540 7.41 21.13 0.64
N SER A 541 8.47 21.71 0.08
CA SER A 541 8.88 23.05 0.48
C SER A 541 7.88 24.08 -0.01
N GLU A 542 7.80 25.20 0.71
CA GLU A 542 6.85 26.24 0.36
C GLU A 542 7.24 26.93 -0.94
N ILE A 543 6.26 27.08 -1.84
CA ILE A 543 6.42 27.87 -3.06
C ILE A 543 5.50 29.08 -2.95
N THR A 544 6.10 30.27 -2.92
CA THR A 544 5.31 31.49 -2.82
C THR A 544 4.62 31.80 -4.15
N GLU A 545 3.67 32.73 -4.10
CA GLU A 545 3.02 33.18 -5.32
C GLU A 545 3.98 33.95 -6.20
N GLN A 546 4.94 34.67 -5.61
CA GLN A 546 5.96 35.33 -6.41
C GLN A 546 6.86 34.32 -7.11
N GLU A 547 7.15 33.21 -6.44
CA GLU A 547 7.97 32.17 -7.05
C GLU A 547 7.19 31.39 -8.11
N LYS A 548 5.86 31.33 -7.98
CA LYS A 548 5.05 30.70 -9.02
C LYS A 548 5.06 31.54 -10.29
N ASP A 549 4.84 32.85 -10.17
CA ASP A 549 4.89 33.72 -11.32
C ASP A 549 6.27 33.73 -11.95
N PHE A 550 7.31 33.64 -11.11
CA PHE A 550 8.67 33.60 -11.63
C PHE A 550 8.95 32.33 -12.42
N LEU A 551 8.48 31.19 -11.92
CA LEU A 551 8.65 29.93 -12.64
C LEU A 551 7.86 29.93 -13.94
N TRP A 552 6.62 30.44 -13.90
CA TRP A 552 5.80 30.43 -15.11
C TRP A 552 6.29 31.42 -16.15
N SER A 553 6.96 32.50 -15.72
CA SER A 553 7.48 33.46 -16.68
C SER A 553 8.66 32.89 -17.45
N HIS A 554 9.39 31.95 -16.86
CA HIS A 554 10.61 31.41 -17.45
C HIS A 554 10.47 29.94 -17.79
N ARG A 555 9.27 29.52 -18.22
CA ARG A 555 9.01 28.10 -18.45
C ARG A 555 9.92 27.51 -19.53
N HIS A 556 10.30 28.32 -20.52
CA HIS A 556 11.07 27.78 -21.63
C HIS A 556 12.54 27.61 -21.27
N TYR A 557 13.09 28.50 -20.43
CA TYR A 557 14.44 28.28 -19.94
C TYR A 557 14.50 27.09 -19.00
N CYS A 558 13.42 26.83 -18.27
CA CYS A 558 13.38 25.71 -17.33
C CYS A 558 13.76 24.40 -17.99
N VAL A 559 13.53 24.28 -19.31
CA VAL A 559 13.91 23.07 -20.04
C VAL A 559 15.40 22.79 -19.91
N THR A 560 16.23 23.83 -19.80
CA THR A 560 17.66 23.62 -19.60
C THR A 560 17.94 22.85 -18.31
N ILE A 561 17.08 22.97 -17.32
CA ILE A 561 17.21 22.23 -16.07
C ILE A 561 15.95 21.40 -15.86
N PRO A 562 15.88 20.19 -16.45
CA PRO A 562 14.61 19.45 -16.45
C PRO A 562 14.13 19.04 -15.07
N GLU A 563 14.99 19.06 -14.05
CA GLU A 563 14.57 18.64 -12.72
C GLU A 563 13.63 19.64 -12.06
N ILE A 564 13.45 20.83 -12.66
CA ILE A 564 12.54 21.82 -12.09
C ILE A 564 11.10 21.59 -12.50
N LEU A 565 10.85 20.61 -13.36
CA LEU A 565 9.50 20.38 -13.88
C LEU A 565 8.44 20.17 -12.79
N PRO A 566 8.67 19.41 -11.72
CA PRO A 566 7.62 19.31 -10.68
C PRO A 566 7.24 20.65 -10.08
N LYS A 567 8.22 21.49 -9.76
CA LYS A 567 7.92 22.82 -9.24
C LYS A 567 7.21 23.68 -10.28
N LEU A 568 7.52 23.46 -11.56
CA LEU A 568 6.86 24.24 -12.61
C LEU A 568 5.41 23.83 -12.79
N LEU A 569 5.13 22.53 -12.68
CA LEU A 569 3.74 22.07 -12.81
C LEU A 569 2.87 22.60 -11.68
N LEU A 570 3.46 22.83 -10.51
CA LEU A 570 2.71 23.42 -9.40
C LEU A 570 2.47 24.91 -9.60
N SER A 571 3.22 25.56 -10.49
CA SER A 571 3.04 26.96 -10.81
C SER A 571 1.99 27.19 -11.88
N VAL A 572 1.44 26.13 -12.47
CA VAL A 572 0.46 26.24 -13.53
C VAL A 572 -0.92 26.46 -12.93
N LYS A 573 -1.68 27.39 -13.52
CA LYS A 573 -3.09 27.56 -13.17
C LYS A 573 -3.89 26.51 -13.93
N TRP A 574 -4.16 25.37 -13.28
CA TRP A 574 -4.87 24.29 -13.94
C TRP A 574 -6.34 24.60 -14.17
N ASN A 575 -6.87 25.65 -13.54
CA ASN A 575 -8.21 26.15 -13.85
C ASN A 575 -8.20 27.14 -15.01
N SER A 576 -7.14 27.14 -15.81
CA SER A 576 -7.02 28.00 -16.99
C SER A 576 -6.45 27.18 -18.13
N ARG A 577 -7.23 27.02 -19.20
CA ARG A 577 -6.80 26.19 -20.33
CA ARG A 577 -6.78 26.19 -20.32
C ARG A 577 -5.67 26.84 -21.13
N ASP A 578 -5.49 28.16 -21.01
CA ASP A 578 -4.41 28.81 -21.73
C ASP A 578 -3.05 28.35 -21.23
N GLU A 579 -2.82 28.46 -19.92
CA GLU A 579 -1.57 27.99 -19.34
C GLU A 579 -1.46 26.48 -19.40
N VAL A 580 -2.58 25.76 -19.28
CA VAL A 580 -2.55 24.31 -19.30
C VAL A 580 -2.16 23.80 -20.68
N ALA A 581 -2.77 24.35 -21.74
CA ALA A 581 -2.42 23.93 -23.09
C ALA A 581 -0.97 24.24 -23.41
N GLN A 582 -0.46 25.36 -22.89
CA GLN A 582 0.96 25.66 -23.09
C GLN A 582 1.84 24.69 -22.33
N MET A 583 1.38 24.22 -21.17
CA MET A 583 2.17 23.26 -20.40
C MET A 583 2.23 21.91 -21.09
N TYR A 584 1.18 21.55 -21.84
CA TYR A 584 1.19 20.30 -22.58
C TYR A 584 2.31 20.25 -23.60
N CYS A 585 2.51 21.35 -24.34
CA CYS A 585 3.53 21.36 -25.38
C CYS A 585 4.94 21.31 -24.79
N LEU A 586 5.13 21.84 -23.57
CA LEU A 586 6.44 21.79 -22.95
C LEU A 586 6.78 20.41 -22.41
N VAL A 587 5.78 19.66 -21.94
CA VAL A 587 6.07 18.32 -21.42
C VAL A 587 6.21 17.31 -22.55
N LYS A 588 5.60 17.57 -23.72
CA LYS A 588 5.72 16.63 -24.83
C LYS A 588 7.17 16.47 -25.26
N ASP A 589 7.90 17.59 -25.37
CA ASP A 589 9.30 17.58 -25.75
C ASP A 589 10.23 17.82 -24.56
N TRP A 590 9.70 17.67 -23.35
CA TRP A 590 10.53 17.85 -22.16
C TRP A 590 11.57 16.74 -22.09
N PRO A 591 12.85 17.08 -21.94
CA PRO A 591 13.86 16.03 -21.81
C PRO A 591 13.60 15.20 -20.60
N PRO A 592 13.98 13.92 -20.61
CA PRO A 592 13.62 13.03 -19.51
C PRO A 592 14.49 13.24 -18.29
N ILE A 593 13.88 13.05 -17.12
CA ILE A 593 14.54 13.25 -15.86
C ILE A 593 14.88 11.88 -15.26
N LYS A 594 15.65 11.89 -14.18
CA LYS A 594 15.98 10.65 -13.49
C LYS A 594 14.71 9.98 -13.00
N PRO A 595 14.68 8.64 -12.97
CA PRO A 595 13.46 7.95 -12.54
C PRO A 595 13.01 8.33 -11.14
N GLU A 596 13.96 8.60 -10.23
CA GLU A 596 13.58 8.98 -8.87
C GLU A 596 12.82 10.29 -8.85
N GLN A 597 13.06 11.17 -9.83
CA GLN A 597 12.33 12.42 -9.94
C GLN A 597 11.02 12.27 -10.71
N ALA A 598 10.98 11.33 -11.66
CA ALA A 598 9.74 11.09 -12.40
C ALA A 598 8.68 10.45 -11.51
N MET A 599 9.10 9.72 -10.47
CA MET A 599 8.13 9.07 -9.58
C MET A 599 7.27 10.09 -8.85
N GLU A 600 7.82 11.29 -8.59
CA GLU A 600 7.01 12.33 -7.96
C GLU A 600 5.83 12.72 -8.85
N LEU A 601 6.04 12.75 -10.16
CA LEU A 601 5.00 13.08 -11.12
C LEU A 601 3.93 12.00 -11.22
N LEU A 602 3.96 11.01 -10.32
CA LEU A 602 2.97 9.93 -10.31
C LEU A 602 2.23 9.85 -8.98
N ASP A 603 2.54 10.68 -8.00
CA ASP A 603 1.80 10.65 -6.74
C ASP A 603 0.48 11.41 -6.88
N CYS A 604 -0.15 11.73 -5.76
CA CYS A 604 -1.49 12.32 -5.78
C CYS A 604 -1.51 13.78 -6.22
N ASN A 605 -0.36 14.42 -6.39
CA ASN A 605 -0.33 15.83 -6.74
C ASN A 605 -0.23 16.11 -8.23
N TYR A 606 -0.09 15.07 -9.07
CA TYR A 606 0.09 15.23 -10.51
C TYR A 606 -0.83 14.25 -11.23
N PRO A 607 -2.11 14.59 -11.39
CA PRO A 607 -3.06 13.65 -11.99
C PRO A 607 -3.18 13.73 -13.51
N ASP A 608 -2.59 14.74 -14.15
CA ASP A 608 -2.79 14.94 -15.57
C ASP A 608 -2.19 13.78 -16.37
N PRO A 609 -2.87 13.30 -17.42
CA PRO A 609 -2.35 12.14 -18.16
C PRO A 609 -1.02 12.37 -18.83
N MET A 610 -0.82 13.54 -19.46
CA MET A 610 0.46 13.78 -20.13
C MET A 610 1.59 14.00 -19.14
N VAL A 611 1.29 14.54 -17.96
CA VAL A 611 2.30 14.62 -16.92
C VAL A 611 2.71 13.21 -16.48
N ARG A 612 1.72 12.35 -16.21
CA ARG A 612 2.01 10.97 -15.84
C ARG A 612 2.57 10.18 -17.01
N GLY A 613 2.12 10.47 -18.23
CA GLY A 613 2.68 9.81 -19.40
C GLY A 613 4.16 10.11 -19.58
N PHE A 614 4.56 11.35 -19.30
CA PHE A 614 5.98 11.70 -19.31
C PHE A 614 6.73 10.92 -18.25
N ALA A 615 6.15 10.78 -17.06
CA ALA A 615 6.81 10.03 -15.99
C ALA A 615 6.98 8.57 -16.36
N VAL A 616 5.95 7.97 -16.96
CA VAL A 616 6.05 6.58 -17.39
C VAL A 616 7.10 6.43 -18.48
N ARG A 617 7.15 7.39 -19.41
CA ARG A 617 8.16 7.33 -20.47
C ARG A 617 9.57 7.54 -19.92
N CYS A 618 9.71 8.26 -18.81
CA CYS A 618 11.01 8.34 -18.15
C CYS A 618 11.40 7.00 -17.54
N LEU A 619 10.43 6.30 -16.94
CA LEU A 619 10.70 4.97 -16.40
C LEU A 619 10.91 3.95 -17.51
N GLU A 620 10.30 4.15 -18.67
CA GLU A 620 10.42 3.18 -19.75
C GLU A 620 11.83 3.12 -20.32
N LYS A 621 12.60 4.19 -20.20
CA LYS A 621 13.93 4.25 -20.79
C LYS A 621 15.07 4.29 -19.78
N TYR A 622 14.80 4.71 -18.54
CA TYR A 622 15.87 4.93 -17.57
C TYR A 622 15.67 4.23 -16.24
N LEU A 623 14.54 3.59 -16.00
CA LEU A 623 14.28 2.88 -14.75
C LEU A 623 14.80 1.45 -14.88
N THR A 624 15.90 1.15 -14.20
CA THR A 624 16.46 -0.18 -14.22
C THR A 624 15.53 -1.18 -13.54
N ASP A 625 15.71 -2.46 -13.87
CA ASP A 625 14.94 -3.50 -13.20
C ASP A 625 15.29 -3.63 -11.73
N ASP A 626 16.50 -3.21 -11.34
CA ASP A 626 16.84 -3.17 -9.92
C ASP A 626 16.05 -2.08 -9.20
N LYS A 627 15.97 -0.89 -9.80
CA LYS A 627 15.26 0.21 -9.16
C LYS A 627 13.75 0.01 -9.22
N LEU A 628 13.24 -0.51 -10.34
CA LEU A 628 11.81 -0.81 -10.41
C LEU A 628 11.42 -1.84 -9.37
N SER A 629 12.25 -2.86 -9.18
CA SER A 629 12.02 -3.82 -8.10
C SER A 629 12.26 -3.20 -6.74
N GLN A 630 13.06 -2.13 -6.66
CA GLN A 630 13.32 -1.48 -5.38
C GLN A 630 12.17 -0.57 -4.97
N TYR A 631 11.54 0.11 -5.94
CA TYR A 631 10.46 1.04 -5.68
C TYR A 631 9.10 0.49 -6.10
N LEU A 632 8.98 -0.84 -6.22
CA LEU A 632 7.72 -1.42 -6.71
C LEU A 632 6.57 -1.17 -5.74
N ILE A 633 6.86 -1.09 -4.44
CA ILE A 633 5.81 -0.83 -3.45
C ILE A 633 5.09 0.47 -3.76
N GLN A 634 5.85 1.55 -3.95
CA GLN A 634 5.25 2.83 -4.28
C GLN A 634 4.62 2.82 -5.67
N LEU A 635 5.25 2.12 -6.63
CA LEU A 635 4.72 2.08 -7.98
C LEU A 635 3.38 1.37 -8.05
N VAL A 636 3.15 0.39 -7.18
CA VAL A 636 1.84 -0.25 -7.11
C VAL A 636 0.84 0.65 -6.40
N GLN A 637 1.28 1.37 -5.37
CA GLN A 637 0.37 2.21 -4.59
C GLN A 637 -0.18 3.36 -5.42
N VAL A 638 0.65 3.96 -6.28
CA VAL A 638 0.20 5.08 -7.09
C VAL A 638 -0.79 4.67 -8.16
N LEU A 639 -0.96 3.37 -8.40
CA LEU A 639 -2.04 2.92 -9.28
C LEU A 639 -3.41 3.32 -8.72
N LYS A 640 -3.52 3.42 -7.39
CA LYS A 640 -4.77 3.84 -6.79
C LYS A 640 -5.13 5.28 -7.14
N TYR A 641 -4.13 6.09 -7.48
CA TYR A 641 -4.38 7.49 -7.84
C TYR A 641 -4.87 7.65 -9.27
N GLU A 642 -4.60 6.68 -10.15
CA GLU A 642 -4.97 6.81 -11.55
C GLU A 642 -6.47 6.91 -11.71
N GLN A 643 -6.91 7.84 -12.56
CA GLN A 643 -8.34 8.04 -12.78
C GLN A 643 -9.01 6.79 -13.34
N TYR A 644 -8.30 6.02 -14.16
CA TYR A 644 -8.90 4.97 -14.95
C TYR A 644 -8.09 3.69 -14.82
N LEU A 645 -8.77 2.57 -15.11
CA LEU A 645 -8.10 1.26 -15.04
C LEU A 645 -7.07 1.12 -16.15
N ASP A 646 -7.35 1.68 -17.33
CA ASP A 646 -6.47 1.58 -18.49
C ASP A 646 -5.64 2.86 -18.57
N ASN A 647 -4.41 2.80 -18.07
CA ASN A 647 -3.49 3.93 -18.12
C ASN A 647 -2.11 3.43 -18.54
N LEU A 648 -1.23 4.37 -18.86
CA LEU A 648 0.10 3.99 -19.33
C LEU A 648 0.96 3.42 -18.21
N LEU A 649 0.68 3.80 -16.95
CA LEU A 649 1.46 3.29 -15.83
C LEU A 649 1.18 1.81 -15.58
N VAL A 650 -0.09 1.44 -15.51
CA VAL A 650 -0.44 0.05 -15.25
C VAL A 650 0.03 -0.85 -16.39
N ARG A 651 0.04 -0.32 -17.62
CA ARG A 651 0.56 -1.10 -18.74
C ARG A 651 2.06 -1.29 -18.63
N PHE A 652 2.77 -0.27 -18.16
CA PHE A 652 4.22 -0.38 -17.98
C PHE A 652 4.56 -1.37 -16.88
N LEU A 653 3.83 -1.31 -15.76
CA LEU A 653 4.09 -2.25 -14.66
C LEU A 653 3.75 -3.68 -15.07
N LEU A 654 2.59 -3.89 -15.70
CA LEU A 654 2.22 -5.23 -16.12
C LEU A 654 3.18 -5.76 -17.19
N LYS A 655 3.57 -4.91 -18.14
CA LYS A 655 4.55 -5.32 -19.14
C LYS A 655 5.87 -5.70 -18.48
N LYS A 656 6.31 -4.93 -17.50
CA LYS A 656 7.53 -5.27 -16.78
C LYS A 656 7.33 -6.51 -15.91
N ALA A 657 6.14 -6.68 -15.35
CA ALA A 657 5.87 -7.83 -14.49
C ALA A 657 5.79 -9.12 -15.30
N LEU A 658 5.41 -9.02 -16.58
CA LEU A 658 5.28 -10.21 -17.42
C LEU A 658 6.58 -10.59 -18.12
N THR A 659 7.57 -9.69 -18.16
CA THR A 659 8.86 -10.00 -18.76
C THR A 659 9.95 -10.27 -17.73
N ASN A 660 9.68 -10.02 -16.45
CA ASN A 660 10.63 -10.26 -15.38
C ASN A 660 9.88 -10.91 -14.24
N GLN A 661 10.24 -12.17 -13.92
CA GLN A 661 9.45 -12.93 -12.96
C GLN A 661 9.69 -12.46 -11.53
N ARG A 662 10.93 -12.08 -11.19
CA ARG A 662 11.19 -11.55 -9.86
C ARG A 662 10.42 -10.27 -9.62
N ILE A 663 10.24 -9.46 -10.66
CA ILE A 663 9.34 -8.31 -10.57
C ILE A 663 7.89 -8.76 -10.55
N GLY A 664 7.55 -9.73 -11.41
CA GLY A 664 6.18 -10.22 -11.45
C GLY A 664 5.76 -10.92 -10.16
N HIS A 665 6.72 -11.47 -9.42
CA HIS A 665 6.39 -12.12 -8.15
C HIS A 665 5.84 -11.11 -7.15
N PHE A 666 6.63 -10.09 -6.82
CA PHE A 666 6.17 -9.07 -5.87
C PHE A 666 5.07 -8.20 -6.44
N PHE A 667 4.99 -8.08 -7.77
CA PHE A 667 3.84 -7.43 -8.38
C PHE A 667 2.55 -8.16 -8.03
N PHE A 668 2.60 -9.50 -8.00
CA PHE A 668 1.42 -10.29 -7.66
C PHE A 668 1.05 -10.12 -6.18
N TRP A 669 2.05 -10.21 -5.29
CA TRP A 669 1.75 -10.24 -3.87
C TRP A 669 1.36 -8.86 -3.34
N HIS A 670 1.89 -7.79 -3.93
CA HIS A 670 1.47 -6.46 -3.52
C HIS A 670 0.01 -6.21 -3.87
N LEU A 671 -0.43 -6.71 -5.04
CA LEU A 671 -1.84 -6.59 -5.40
C LEU A 671 -2.69 -7.57 -4.60
N LYS A 672 -2.22 -8.81 -4.44
CA LYS A 672 -2.98 -9.80 -3.70
C LYS A 672 -3.20 -9.40 -2.25
N SER A 673 -2.25 -8.67 -1.66
CA SER A 673 -2.35 -8.32 -0.25
C SER A 673 -3.44 -7.29 0.02
N GLU A 674 -4.03 -6.68 -1.01
CA GLU A 674 -5.05 -5.67 -0.82
C GLU A 674 -6.38 -6.04 -1.46
N MET A 675 -6.55 -7.29 -1.90
CA MET A 675 -7.81 -7.70 -2.50
C MET A 675 -8.96 -7.66 -1.50
N HIS A 676 -8.67 -7.71 -0.20
CA HIS A 676 -9.69 -7.53 0.81
C HIS A 676 -10.25 -6.12 0.83
N ASN A 677 -9.48 -5.14 0.32
CA ASN A 677 -9.86 -3.74 0.38
C ASN A 677 -10.82 -3.42 -0.76
N LYS A 678 -12.07 -3.13 -0.43
CA LYS A 678 -13.10 -2.93 -1.45
C LYS A 678 -12.88 -1.66 -2.26
N THR A 679 -12.05 -0.74 -1.78
CA THR A 679 -11.78 0.48 -2.54
C THR A 679 -10.96 0.20 -3.79
N VAL A 680 -10.15 -0.86 -3.77
CA VAL A 680 -9.28 -1.20 -4.90
C VAL A 680 -9.42 -2.65 -5.34
N SER A 681 -10.32 -3.42 -4.73
CA SER A 681 -10.37 -4.86 -5.01
C SER A 681 -10.67 -5.13 -6.48
N GLN A 682 -11.51 -4.31 -7.10
CA GLN A 682 -11.83 -4.53 -8.51
C GLN A 682 -10.67 -4.14 -9.41
N ARG A 683 -10.03 -3.02 -9.13
CA ARG A 683 -8.87 -2.61 -9.93
C ARG A 683 -7.75 -3.64 -9.82
N PHE A 684 -7.42 -4.05 -8.59
CA PHE A 684 -6.34 -5.02 -8.41
C PHE A 684 -6.77 -6.41 -8.85
N GLY A 685 -8.06 -6.72 -8.77
CA GLY A 685 -8.52 -8.02 -9.24
C GLY A 685 -8.41 -8.16 -10.75
N LEU A 686 -8.88 -7.14 -11.48
CA LEU A 686 -8.76 -7.15 -12.93
C LEU A 686 -7.30 -7.16 -13.36
N LEU A 687 -6.46 -6.38 -12.68
CA LEU A 687 -5.04 -6.35 -13.02
C LEU A 687 -4.38 -7.70 -12.72
N LEU A 688 -4.75 -8.33 -11.60
CA LEU A 688 -4.23 -9.66 -11.30
C LEU A 688 -4.72 -10.70 -12.27
N GLU A 689 -5.96 -10.56 -12.76
CA GLU A 689 -6.47 -11.50 -13.76
C GLU A 689 -5.63 -11.44 -15.04
N SER A 690 -5.32 -10.23 -15.50
CA SER A 690 -4.49 -10.10 -16.69
C SER A 690 -3.09 -10.65 -16.46
N TYR A 691 -2.56 -10.49 -15.25
CA TYR A 691 -1.23 -11.00 -14.95
C TYR A 691 -1.21 -12.53 -14.94
N CYS A 692 -2.18 -13.14 -14.26
CA CYS A 692 -2.20 -14.59 -14.13
C CYS A 692 -2.47 -15.30 -15.45
N ARG A 693 -3.10 -14.62 -16.41
CA ARG A 693 -3.31 -15.23 -17.72
C ARG A 693 -2.01 -15.33 -18.52
N ALA A 694 -1.08 -14.39 -18.32
CA ALA A 694 0.10 -14.28 -19.16
C ALA A 694 1.41 -14.59 -18.44
N CYS A 695 1.39 -14.84 -17.13
CA CYS A 695 2.63 -15.11 -16.41
C CYS A 695 3.16 -16.51 -16.64
N GLY A 696 2.40 -17.38 -17.28
CA GLY A 696 2.98 -18.63 -17.72
C GLY A 696 2.98 -19.62 -16.57
N MET A 697 4.08 -20.35 -16.43
CA MET A 697 4.14 -21.45 -15.48
C MET A 697 4.12 -20.96 -14.05
N TYR A 698 4.52 -19.72 -13.82
CA TYR A 698 4.62 -19.22 -12.45
C TYR A 698 3.25 -19.11 -11.78
N LEU A 699 2.15 -19.22 -12.54
CA LEU A 699 0.84 -19.26 -11.92
C LEU A 699 0.69 -20.51 -11.06
N LYS A 700 1.27 -21.62 -11.50
CA LYS A 700 1.26 -22.85 -10.71
C LYS A 700 2.06 -22.67 -9.42
N HIS A 701 3.23 -22.03 -9.51
CA HIS A 701 4.05 -21.82 -8.33
C HIS A 701 3.40 -20.84 -7.36
N LEU A 702 2.74 -19.80 -7.90
CA LEU A 702 2.05 -18.85 -7.03
C LEU A 702 0.88 -19.51 -6.30
N ASN A 703 0.16 -20.40 -6.98
CA ASN A 703 -0.91 -21.12 -6.32
C ASN A 703 -0.37 -22.05 -5.23
N ARG A 704 0.83 -22.59 -5.43
CA ARG A 704 1.47 -23.34 -4.34
C ARG A 704 1.75 -22.44 -3.16
N GLN A 705 2.19 -21.20 -3.41
CA GLN A 705 2.41 -20.26 -2.33
C GLN A 705 1.09 -19.85 -1.67
N VAL A 706 0.06 -19.60 -2.47
CA VAL A 706 -1.22 -19.13 -1.92
C VAL A 706 -1.84 -20.21 -1.04
N GLU A 707 -1.93 -21.44 -1.55
CA GLU A 707 -2.53 -22.50 -0.75
C GLU A 707 -1.69 -22.82 0.49
N ALA A 708 -0.38 -22.61 0.42
CA ALA A 708 0.46 -22.77 1.60
C ALA A 708 0.14 -21.69 2.63
N MET A 709 -0.10 -20.47 2.18
CA MET A 709 -0.45 -19.39 3.10
C MET A 709 -1.84 -19.59 3.68
N GLU A 710 -2.79 -20.08 2.86
CA GLU A 710 -4.15 -20.26 3.34
C GLU A 710 -4.23 -21.29 4.46
N LYS A 711 -3.34 -22.28 4.45
CA LYS A 711 -3.35 -23.27 5.53
C LYS A 711 -2.75 -22.68 6.81
N LEU A 712 -1.73 -21.82 6.67
CA LEU A 712 -1.18 -21.15 7.85
C LEU A 712 -2.18 -20.17 8.43
N ILE A 713 -2.93 -19.46 7.57
CA ILE A 713 -3.97 -18.56 8.04
C ILE A 713 -5.05 -19.33 8.80
N ASN A 714 -5.51 -20.43 8.19
CA ASN A 714 -6.55 -21.23 8.85
C ASN A 714 -6.04 -21.82 10.15
N LEU A 715 -4.78 -22.28 10.19
CA LEU A 715 -4.23 -22.86 11.41
C LEU A 715 -4.12 -21.80 12.51
N THR A 716 -3.58 -20.63 12.17
CA THR A 716 -3.47 -19.56 13.15
C THR A 716 -4.85 -19.05 13.59
N ASP A 717 -5.85 -19.11 12.70
CA ASP A 717 -7.20 -18.73 13.10
C ASP A 717 -7.73 -19.68 14.17
N ILE A 718 -7.44 -20.97 14.03
CA ILE A 718 -7.88 -21.94 15.04
C ILE A 718 -7.27 -21.62 16.39
N LEU A 719 -5.99 -21.23 16.40
CA LEU A 719 -5.29 -20.98 17.65
C LEU A 719 -5.72 -19.68 18.31
N LYS A 720 -6.15 -18.68 17.53
CA LYS A 720 -6.54 -17.41 18.08
C LYS A 720 -8.01 -17.36 18.50
N GLN A 721 -8.83 -18.30 18.02
CA GLN A 721 -10.25 -18.33 18.35
C GLN A 721 -10.61 -19.60 19.12
N GLU A 722 -10.65 -20.75 18.44
CA GLU A 722 -11.17 -21.96 19.07
C GLU A 722 -10.26 -22.47 20.18
N LYS A 723 -8.95 -22.25 20.06
CA LYS A 723 -7.97 -22.81 20.98
C LYS A 723 -7.20 -21.74 21.74
N LYS A 724 -7.77 -20.53 21.87
CA LYS A 724 -7.03 -19.43 22.47
C LYS A 724 -6.82 -19.62 23.96
N ASP A 725 -7.83 -20.13 24.67
CA ASP A 725 -7.76 -20.30 26.11
C ASP A 725 -7.14 -21.63 26.53
N GLU A 726 -6.49 -22.33 25.61
CA GLU A 726 -5.77 -23.56 25.92
C GLU A 726 -4.28 -23.27 26.00
N THR A 727 -3.56 -24.10 26.77
CA THR A 727 -2.19 -23.79 27.12
C THR A 727 -1.26 -23.96 25.93
N GLN A 728 0.00 -23.56 26.15
CA GLN A 728 1.01 -23.64 25.09
C GLN A 728 1.29 -25.09 24.70
N LYS A 729 1.29 -25.99 25.68
CA LYS A 729 1.57 -27.40 25.39
C LYS A 729 0.45 -28.04 24.59
N VAL A 730 -0.80 -27.67 24.88
CA VAL A 730 -1.93 -28.22 24.13
C VAL A 730 -1.96 -27.65 22.72
N GLN A 731 -1.60 -26.38 22.57
CA GLN A 731 -1.58 -25.78 21.24
C GLN A 731 -0.47 -26.35 20.37
N MET A 732 0.65 -26.75 20.98
CA MET A 732 1.77 -27.29 20.20
C MET A 732 1.50 -28.72 19.74
N LYS A 733 0.92 -29.56 20.60
CA LYS A 733 0.56 -30.90 20.20
C LYS A 733 -0.47 -30.89 19.08
N PHE A 734 -1.43 -29.95 19.17
CA PHE A 734 -2.30 -29.68 18.03
C PHE A 734 -1.49 -29.17 16.84
N LEU A 735 -0.56 -28.24 17.10
CA LEU A 735 0.22 -27.62 16.04
C LEU A 735 0.99 -28.66 15.22
N VAL A 736 1.61 -29.63 15.89
CA VAL A 736 2.35 -30.65 15.16
C VAL A 736 1.41 -31.64 14.49
N GLU A 737 0.24 -31.87 15.08
CA GLU A 737 -0.66 -32.91 14.59
C GLU A 737 -1.11 -32.62 13.16
N GLN A 738 -1.73 -31.46 12.93
CA GLN A 738 -2.15 -31.11 11.57
C GLN A 738 -0.96 -30.92 10.64
N MET A 739 0.21 -30.60 11.18
CA MET A 739 1.39 -30.49 10.34
C MET A 739 1.82 -31.86 9.82
N ARG A 740 1.56 -32.93 10.56
CA ARG A 740 1.87 -34.28 10.10
C ARG A 740 0.76 -34.87 9.23
N ARG A 741 -0.32 -34.14 9.03
CA ARG A 741 -1.38 -34.60 8.13
C ARG A 741 -0.88 -34.57 6.69
N PRO A 742 -1.45 -35.42 5.82
CA PRO A 742 -0.92 -35.48 4.44
C PRO A 742 -1.14 -34.21 3.65
N ASP A 743 -2.35 -33.66 3.66
CA ASP A 743 -2.64 -32.46 2.87
C ASP A 743 -1.74 -31.30 3.26
N PHE A 744 -1.44 -31.15 4.55
CA PHE A 744 -0.63 -30.04 5.02
C PHE A 744 0.78 -30.10 4.42
N MET A 745 1.40 -31.28 4.46
CA MET A 745 2.76 -31.43 3.93
C MET A 745 2.81 -31.16 2.43
N ASP A 746 1.82 -31.67 1.68
CA ASP A 746 1.79 -31.46 0.24
C ASP A 746 1.74 -29.98 -0.11
N ALA A 747 0.97 -29.20 0.66
CA ALA A 747 0.82 -27.77 0.40
C ALA A 747 1.91 -26.92 1.03
N LEU A 748 2.43 -27.31 2.19
CA LEU A 748 3.40 -26.49 2.91
C LEU A 748 4.85 -26.81 2.58
N GLN A 749 5.11 -27.73 1.67
CA GLN A 749 6.47 -28.09 1.30
C GLN A 749 6.67 -27.96 -0.20
N GLY A 750 7.93 -27.83 -0.59
CA GLY A 750 8.31 -27.78 -1.99
C GLY A 750 7.71 -26.61 -2.73
N PHE A 751 7.83 -25.39 -2.18
CA PHE A 751 7.32 -24.20 -2.83
C PHE A 751 8.28 -23.05 -2.59
N LEU A 752 8.24 -22.07 -3.48
CA LEU A 752 9.15 -20.93 -3.40
C LEU A 752 8.75 -20.01 -2.26
N SER A 753 9.74 -19.49 -1.55
CA SER A 753 9.49 -18.54 -0.48
C SER A 753 8.91 -17.25 -1.06
N PRO A 754 7.76 -16.79 -0.56
CA PRO A 754 7.22 -15.51 -1.04
C PRO A 754 8.08 -14.32 -0.67
N LEU A 755 8.93 -14.44 0.35
CA LEU A 755 9.88 -13.37 0.65
C LEU A 755 10.96 -13.26 -0.41
N ASN A 756 11.31 -14.36 -1.06
CA ASN A 756 12.34 -14.37 -2.10
C ASN A 756 12.08 -15.59 -2.96
N PRO A 757 11.51 -15.40 -4.15
CA PRO A 757 11.21 -16.55 -5.01
C PRO A 757 12.44 -17.32 -5.47
N ALA A 758 13.64 -16.76 -5.29
CA ALA A 758 14.87 -17.50 -5.54
C ALA A 758 15.22 -18.44 -4.40
N HIS A 759 14.48 -18.39 -3.29
CA HIS A 759 14.66 -19.29 -2.17
C HIS A 759 13.62 -20.40 -2.26
N GLN A 760 14.07 -21.65 -2.31
CA GLN A 760 13.17 -22.79 -2.35
C GLN A 760 12.94 -23.29 -0.93
N LEU A 761 11.68 -23.29 -0.50
CA LEU A 761 11.31 -23.84 0.81
C LEU A 761 10.97 -25.31 0.59
N GLY A 762 11.96 -26.17 0.77
CA GLY A 762 11.78 -27.59 0.56
C GLY A 762 11.02 -28.26 1.68
N ASN A 763 11.66 -29.21 2.35
CA ASN A 763 11.01 -29.96 3.42
C ASN A 763 11.00 -29.17 4.71
N LEU A 764 9.89 -29.25 5.43
CA LEU A 764 9.77 -28.58 6.71
C LEU A 764 10.59 -29.30 7.78
N ARG A 765 11.17 -28.54 8.68
CA ARG A 765 11.88 -29.07 9.85
C ARG A 765 10.96 -28.83 11.05
N LEU A 766 10.07 -29.79 11.29
CA LEU A 766 9.00 -29.58 12.27
C LEU A 766 9.54 -29.39 13.68
N GLU A 767 10.68 -30.00 14.00
CA GLU A 767 11.23 -29.86 15.35
C GLU A 767 11.72 -28.45 15.63
N GLU A 768 12.00 -27.67 14.59
CA GLU A 768 12.42 -26.29 14.75
C GLU A 768 11.28 -25.29 14.55
N CYS A 769 10.07 -25.78 14.31
CA CYS A 769 8.89 -24.92 14.20
C CYS A 769 8.21 -24.82 15.56
N ARG A 770 7.71 -23.62 15.88
CA ARG A 770 7.16 -23.38 17.20
C ARG A 770 6.25 -22.16 17.16
N ILE A 771 5.35 -22.08 18.15
CA ILE A 771 4.45 -20.96 18.30
C ILE A 771 5.10 -19.93 19.21
N MET A 772 5.17 -18.69 18.74
CA MET A 772 5.78 -17.62 19.52
C MET A 772 4.77 -17.09 20.55
N SER A 773 5.31 -16.45 21.59
CA SER A 773 4.50 -16.05 22.75
C SER A 773 3.96 -14.63 22.54
N SER A 774 3.07 -14.51 21.57
CA SER A 774 2.33 -13.28 21.31
C SER A 774 0.85 -13.60 21.22
N ALA A 775 0.03 -12.55 21.37
CA ALA A 775 -1.42 -12.73 21.35
C ALA A 775 -1.91 -13.19 19.99
N LYS A 776 -1.28 -12.75 18.91
CA LYS A 776 -1.64 -13.18 17.56
C LYS A 776 -1.05 -14.54 17.20
N ARG A 777 -0.23 -15.13 18.08
CA ARG A 777 0.37 -16.45 17.90
C ARG A 777 1.14 -16.54 16.59
N PRO A 778 2.27 -15.86 16.46
CA PRO A 778 3.07 -15.98 15.24
C PRO A 778 3.73 -17.34 15.16
N LEU A 779 3.99 -17.78 13.92
CA LEU A 779 4.55 -19.10 13.65
C LEU A 779 5.99 -18.94 13.17
N TRP A 780 6.93 -19.43 13.97
CA TRP A 780 8.35 -19.48 13.59
C TRP A 780 8.58 -20.79 12.85
N LEU A 781 8.75 -20.72 11.54
CA LEU A 781 8.82 -21.89 10.68
C LEU A 781 10.22 -22.10 10.16
N ASN A 782 10.48 -23.32 9.69
CA ASN A 782 11.82 -23.71 9.24
C ASN A 782 11.69 -24.69 8.08
N TRP A 783 12.37 -24.39 6.98
CA TRP A 783 12.46 -25.27 5.82
C TRP A 783 13.92 -25.53 5.49
N GLU A 784 14.20 -26.72 4.98
CA GLU A 784 15.53 -27.02 4.48
C GLU A 784 15.73 -26.43 3.09
N ASN A 785 16.96 -26.05 2.79
CA ASN A 785 17.27 -25.53 1.48
C ASN A 785 17.60 -26.70 0.56
N PRO A 786 16.74 -27.00 -0.42
CA PRO A 786 16.94 -28.20 -1.25
C PRO A 786 17.95 -28.03 -2.37
N ASP A 787 18.63 -26.88 -2.43
CA ASP A 787 19.66 -26.67 -3.43
C ASP A 787 20.77 -27.71 -3.26
N ILE A 788 21.46 -28.01 -4.36
CA ILE A 788 22.47 -29.08 -4.35
C ILE A 788 23.59 -28.75 -3.38
N MET A 789 23.85 -27.46 -3.14
CA MET A 789 24.83 -27.02 -2.15
C MET A 789 24.17 -25.99 -1.22
N SER A 790 23.31 -26.48 -0.33
CA SER A 790 22.72 -25.61 0.67
C SER A 790 23.76 -25.07 1.65
N GLU A 791 24.87 -25.77 1.82
CA GLU A 791 25.92 -25.33 2.74
C GLU A 791 26.63 -24.08 2.25
N LEU A 792 26.53 -23.75 0.96
CA LEU A 792 27.28 -22.61 0.44
C LEU A 792 26.61 -21.29 0.80
N LEU A 793 25.29 -21.21 0.64
CA LEU A 793 24.59 -19.98 1.02
C LEU A 793 23.91 -20.16 2.37
N PHE A 794 22.72 -20.78 2.38
CA PHE A 794 22.00 -20.98 3.63
C PHE A 794 21.38 -22.37 3.65
N GLN A 795 21.47 -23.01 4.82
CA GLN A 795 20.76 -24.25 5.10
C GLN A 795 19.82 -23.99 6.27
N ASN A 796 18.65 -24.61 6.21
CA ASN A 796 17.56 -24.36 7.16
C ASN A 796 17.07 -22.91 7.06
N ASN A 797 16.16 -22.66 6.12
CA ASN A 797 15.54 -21.35 5.97
C ASN A 797 14.45 -21.16 7.01
N GLU A 798 14.36 -19.94 7.55
CA GLU A 798 13.40 -19.64 8.61
C GLU A 798 12.59 -18.40 8.25
N ILE A 799 11.29 -18.47 8.50
CA ILE A 799 10.34 -17.41 8.19
C ILE A 799 9.33 -17.32 9.33
N ILE A 800 8.99 -16.10 9.72
CA ILE A 800 7.97 -15.86 10.73
C ILE A 800 6.67 -15.52 10.02
N PHE A 801 5.62 -16.30 10.28
CA PHE A 801 4.29 -16.04 9.77
C PHE A 801 3.43 -15.47 10.89
N LYS A 802 2.91 -14.27 10.68
CA LYS A 802 2.04 -13.63 11.65
C LYS A 802 0.71 -13.28 10.98
N ASN A 803 -0.39 -13.60 11.67
CA ASN A 803 -1.74 -13.32 11.20
C ASN A 803 -2.45 -12.55 12.31
N GLY A 804 -2.51 -11.23 12.17
CA GLY A 804 -3.20 -10.42 13.16
C GLY A 804 -2.80 -8.96 13.21
N ASP A 805 -1.56 -8.67 12.84
CA ASP A 805 -1.02 -7.31 12.94
C ASP A 805 -0.65 -6.78 11.56
N ASP A 806 -0.84 -5.49 11.36
CA ASP A 806 -0.50 -4.85 10.10
C ASP A 806 1.02 -4.73 9.97
N LEU A 807 1.56 -5.30 8.90
CA LEU A 807 3.00 -5.28 8.65
C LEU A 807 3.39 -4.35 7.51
N ARG A 808 2.48 -3.45 7.09
CA ARG A 808 2.81 -2.54 6.00
C ARG A 808 3.78 -1.45 6.46
N GLN A 809 3.66 -0.99 7.71
CA GLN A 809 4.62 -0.03 8.22
C GLN A 809 5.99 -0.67 8.40
N ASP A 810 6.02 -1.91 8.88
CA ASP A 810 7.28 -2.65 8.93
C ASP A 810 7.85 -2.88 7.54
N MET A 811 6.99 -3.27 6.60
CA MET A 811 7.45 -3.50 5.23
C MET A 811 7.98 -2.23 4.60
N LEU A 812 7.35 -1.09 4.89
CA LEU A 812 7.78 0.17 4.30
C LEU A 812 9.09 0.65 4.92
N THR A 813 9.22 0.55 6.25
CA THR A 813 10.43 1.01 6.92
C THR A 813 11.65 0.22 6.47
N LEU A 814 11.50 -1.10 6.35
CA LEU A 814 12.62 -1.93 5.91
C LEU A 814 13.00 -1.64 4.46
N GLN A 815 12.04 -1.22 3.64
CA GLN A 815 12.39 -0.76 2.29
C GLN A 815 13.19 0.53 2.36
N ILE A 816 12.79 1.47 3.21
CA ILE A 816 13.51 2.73 3.34
C ILE A 816 14.91 2.49 3.91
N ILE A 817 15.03 1.56 4.86
CA ILE A 817 16.33 1.25 5.45
C ILE A 817 17.28 0.70 4.38
N ARG A 818 16.77 -0.17 3.50
CA ARG A 818 17.58 -0.68 2.41
C ARG A 818 17.97 0.43 1.44
N ILE A 819 17.04 1.37 1.19
CA ILE A 819 17.32 2.47 0.28
C ILE A 819 18.36 3.42 0.87
N MET A 820 18.29 3.65 2.18
CA MET A 820 19.31 4.47 2.83
C MET A 820 20.69 3.83 2.71
N GLU A 821 20.76 2.51 2.93
CA GLU A 821 22.04 1.82 2.86
C GLU A 821 22.64 1.90 1.46
N ASN A 822 21.80 1.87 0.43
CA ASN A 822 22.30 1.97 -0.94
C ASN A 822 22.86 3.36 -1.21
N ILE A 823 22.28 4.40 -0.61
CA ILE A 823 22.81 5.75 -0.74
C ILE A 823 24.19 5.83 -0.10
N TRP A 824 24.32 5.29 1.11
CA TRP A 824 25.58 5.35 1.83
C TRP A 824 26.67 4.56 1.10
N GLN A 825 26.36 3.35 0.66
CA GLN A 825 27.37 2.51 0.03
C GLN A 825 27.87 3.11 -1.28
N ASN A 826 26.97 3.68 -2.08
CA ASN A 826 27.39 4.25 -3.35
C ASN A 826 28.17 5.54 -3.20
N GLN A 827 28.10 6.19 -2.03
CA GLN A 827 28.86 7.40 -1.76
C GLN A 827 30.03 7.16 -0.82
N GLY A 828 30.48 5.91 -0.71
CA GLY A 828 31.66 5.60 0.06
C GLY A 828 31.43 5.48 1.56
N LEU A 829 30.28 4.98 1.98
CA LEU A 829 29.97 4.78 3.38
C LEU A 829 29.57 3.33 3.60
N ASP A 830 30.44 2.56 4.25
CA ASP A 830 30.19 1.14 4.50
C ASP A 830 29.38 0.97 5.79
N LEU A 831 28.21 1.60 5.82
CA LEU A 831 27.28 1.49 6.93
C LEU A 831 26.33 0.33 6.63
N ARG A 832 26.47 -0.75 7.39
CA ARG A 832 25.80 -2.01 7.07
C ARG A 832 24.50 -2.10 7.88
N MET A 833 23.38 -1.90 7.20
CA MET A 833 22.08 -2.15 7.79
C MET A 833 21.74 -3.62 7.63
N LEU A 834 20.57 -4.02 8.15
CA LEU A 834 20.03 -5.36 7.95
C LEU A 834 18.56 -5.24 7.61
N PRO A 835 18.25 -4.87 6.36
CA PRO A 835 16.84 -4.78 5.93
C PRO A 835 16.32 -6.14 5.50
N TYR A 836 16.00 -6.97 6.50
CA TYR A 836 15.50 -8.31 6.23
C TYR A 836 14.16 -8.26 5.49
N GLY A 837 13.77 -9.40 4.93
CA GLY A 837 12.54 -9.46 4.16
C GLY A 837 11.32 -9.37 5.05
N CYS A 838 10.36 -8.55 4.60
CA CYS A 838 9.06 -8.44 5.25
C CYS A 838 8.03 -8.16 4.17
N LEU A 839 7.02 -9.02 4.06
CA LEU A 839 6.05 -8.92 2.99
C LEU A 839 4.64 -9.04 3.57
N SER A 840 3.80 -8.05 3.27
CA SER A 840 2.38 -8.14 3.59
C SER A 840 1.68 -8.95 2.51
N ILE A 841 0.94 -9.98 2.92
CA ILE A 841 0.25 -10.86 1.98
C ILE A 841 -1.25 -10.78 2.11
N GLY A 842 -1.78 -9.98 3.01
CA GLY A 842 -3.22 -9.86 3.16
C GLY A 842 -3.57 -8.89 4.26
N ASP A 843 -4.86 -8.85 4.60
CA ASP A 843 -5.33 -7.99 5.67
C ASP A 843 -4.72 -8.40 7.00
N CYS A 844 -3.69 -7.67 7.44
CA CYS A 844 -2.97 -7.94 8.68
C CYS A 844 -2.37 -9.34 8.70
N VAL A 845 -1.93 -9.82 7.54
CA VAL A 845 -1.25 -11.09 7.39
C VAL A 845 0.03 -10.83 6.62
N GLY A 846 1.15 -11.35 7.11
CA GLY A 846 2.42 -11.11 6.44
C GLY A 846 3.51 -12.06 6.89
N LEU A 847 4.60 -12.04 6.13
CA LEU A 847 5.76 -12.88 6.39
C LEU A 847 6.93 -12.03 6.86
N ILE A 848 7.86 -12.66 7.56
CA ILE A 848 9.01 -11.99 8.16
C ILE A 848 10.23 -12.89 8.03
N GLU A 849 11.30 -12.37 7.43
CA GLU A 849 12.54 -13.12 7.34
C GLU A 849 13.23 -13.16 8.70
N VAL A 850 13.78 -14.33 9.03
CA VAL A 850 14.49 -14.53 10.29
C VAL A 850 15.98 -14.37 10.03
N VAL A 851 16.64 -13.50 10.80
CA VAL A 851 18.08 -13.35 10.72
C VAL A 851 18.72 -14.45 11.56
N ARG A 852 19.54 -15.28 10.92
CA ARG A 852 20.20 -16.36 11.63
C ARG A 852 21.30 -15.82 12.53
N ASN A 853 21.50 -16.51 13.66
CA ASN A 853 22.57 -16.20 14.61
C ASN A 853 22.45 -14.76 15.13
N SER A 854 21.22 -14.32 15.36
CA SER A 854 20.95 -12.99 15.88
C SER A 854 20.28 -13.12 17.25
N HIS A 855 20.63 -12.22 18.17
CA HIS A 855 20.14 -12.27 19.54
C HIS A 855 19.83 -10.87 20.03
N THR A 856 18.78 -10.74 20.83
CA THR A 856 18.41 -9.45 21.38
C THR A 856 19.41 -9.01 22.44
N ILE A 857 19.35 -7.73 22.80
CA ILE A 857 20.23 -7.21 23.85
C ILE A 857 19.87 -7.85 25.19
N MET A 858 18.58 -8.04 25.45
CA MET A 858 18.18 -8.65 26.71
C MET A 858 18.55 -10.13 26.78
N GLN A 859 18.56 -10.82 25.63
CA GLN A 859 19.10 -12.18 25.59
C GLN A 859 20.58 -12.18 25.93
N ILE A 860 21.32 -11.18 25.45
CA ILE A 860 22.75 -11.09 25.77
C ILE A 860 22.94 -10.82 27.25
N GLN A 861 22.06 -10.02 27.85
CA GLN A 861 22.22 -9.58 29.23
C GLN A 861 21.78 -10.69 30.18
N CYS A 862 21.75 -11.93 29.68
CA CYS A 862 21.47 -13.08 30.54
C CYS A 862 22.54 -14.15 30.36
N LYS A 863 22.64 -14.71 29.16
CA LYS A 863 23.65 -15.73 28.89
C LYS A 863 23.91 -15.82 27.38
N GLN A 871 22.21 -9.17 37.48
CA GLN A 871 22.16 -10.22 36.46
C GLN A 871 23.30 -10.06 35.44
N PHE A 872 23.51 -8.82 35.01
CA PHE A 872 24.49 -8.50 33.97
C PHE A 872 25.14 -7.17 34.31
N ASN A 873 26.19 -6.84 33.56
CA ASN A 873 26.97 -5.64 33.79
C ASN A 873 27.03 -4.80 32.51
N SER A 874 27.38 -3.53 32.68
CA SER A 874 27.51 -2.62 31.54
C SER A 874 28.47 -3.16 30.48
N HIS A 875 29.41 -4.02 30.89
CA HIS A 875 30.37 -4.61 29.96
C HIS A 875 29.91 -5.97 29.41
N THR A 876 28.71 -6.43 29.76
CA THR A 876 28.26 -7.74 29.32
C THR A 876 28.19 -7.83 27.81
N LEU A 877 27.65 -6.80 27.16
CA LEU A 877 27.54 -6.81 25.71
C LEU A 877 28.91 -6.80 25.05
N HIS A 878 29.86 -6.05 25.60
CA HIS A 878 31.20 -5.99 25.02
C HIS A 878 31.92 -7.33 25.16
N GLN A 879 31.80 -7.97 26.33
CA GLN A 879 32.47 -9.26 26.54
C GLN A 879 31.88 -10.34 25.65
N TRP A 880 30.57 -10.30 25.39
CA TRP A 880 29.95 -11.29 24.52
C TRP A 880 30.47 -11.16 23.10
N LEU A 881 30.63 -9.93 22.59
CA LEU A 881 31.16 -9.74 21.25
C LEU A 881 32.63 -10.14 21.14
N LYS A 882 33.35 -10.19 22.27
CA LYS A 882 34.71 -10.70 22.28
C LYS A 882 34.76 -12.22 22.42
N ASP A 883 33.81 -12.82 23.14
CA ASP A 883 33.78 -14.26 23.27
C ASP A 883 33.31 -14.94 21.98
N LYS A 884 32.37 -14.31 21.27
CA LYS A 884 31.93 -14.82 19.98
C LYS A 884 32.88 -14.45 18.84
N ASN A 885 33.85 -13.56 19.08
CA ASN A 885 34.81 -13.10 18.07
C ASN A 885 36.18 -12.97 18.74
N LYS A 886 36.76 -14.11 19.12
CA LYS A 886 38.04 -14.12 19.83
C LYS A 886 39.20 -13.99 18.85
N GLY A 887 40.21 -13.23 19.25
CA GLY A 887 41.41 -13.06 18.43
C GLY A 887 41.32 -11.96 17.38
N GLU A 888 41.74 -12.29 16.15
CA GLU A 888 41.83 -11.29 15.11
C GLU A 888 40.45 -10.76 14.70
N ILE A 889 39.43 -11.61 14.72
CA ILE A 889 38.10 -11.21 14.29
C ILE A 889 37.51 -10.11 15.17
N TYR A 890 38.09 -9.87 16.34
CA TYR A 890 37.58 -8.83 17.23
C TYR A 890 37.63 -7.46 16.56
N ASP A 891 38.76 -7.13 15.92
CA ASP A 891 38.92 -5.82 15.30
C ASP A 891 37.95 -5.59 14.15
N ALA A 892 37.44 -6.67 13.53
CA ALA A 892 36.41 -6.55 12.50
C ALA A 892 35.00 -6.61 13.04
N ALA A 893 34.80 -7.26 14.20
CA ALA A 893 33.48 -7.27 14.81
C ALA A 893 33.15 -5.91 15.43
N ILE A 894 34.16 -5.26 16.02
CA ILE A 894 33.98 -3.90 16.51
C ILE A 894 33.64 -2.96 15.36
N ASP A 895 34.36 -3.11 14.24
CA ASP A 895 34.09 -2.29 13.07
C ASP A 895 32.68 -2.52 12.54
N LEU A 896 32.22 -3.77 12.55
CA LEU A 896 30.86 -4.06 12.10
C LEU A 896 29.82 -3.51 13.06
N PHE A 897 30.03 -3.69 14.37
CA PHE A 897 29.12 -3.15 15.35
C PHE A 897 29.08 -1.62 15.29
N THR A 898 30.23 -1.00 15.05
CA THR A 898 30.30 0.46 14.99
C THR A 898 29.59 1.00 13.75
N ARG A 899 29.89 0.40 12.58
CA ARG A 899 29.27 0.87 11.34
C ARG A 899 27.78 0.53 11.28
N SER A 900 27.32 -0.49 12.00
CA SER A 900 25.90 -0.79 12.05
C SER A 900 25.16 0.07 13.06
N CYS A 901 25.85 0.52 14.12
CA CYS A 901 25.23 1.45 15.06
C CYS A 901 25.01 2.81 14.42
N ALA A 902 26.00 3.30 13.67
CA ALA A 902 25.87 4.60 13.02
C ALA A 902 24.72 4.60 12.03
N GLY A 903 24.55 3.49 11.30
CA GLY A 903 23.47 3.43 10.33
C GLY A 903 22.09 3.47 10.97
N TYR A 904 21.91 2.71 12.05
CA TYR A 904 20.60 2.67 12.70
C TYR A 904 20.36 3.88 13.60
N CYS A 905 21.42 4.46 14.18
CA CYS A 905 21.24 5.69 14.95
C CYS A 905 20.76 6.82 14.06
N VAL A 906 21.28 6.90 12.83
CA VAL A 906 20.86 7.96 11.91
C VAL A 906 19.50 7.64 11.31
N ALA A 907 19.28 6.39 10.92
CA ALA A 907 18.04 6.03 10.22
C ALA A 907 16.83 6.16 11.13
N THR A 908 16.93 5.67 12.37
CA THR A 908 15.78 5.71 13.27
C THR A 908 15.45 7.13 13.71
N PHE A 909 16.46 8.00 13.82
CA PHE A 909 16.17 9.39 14.16
C PHE A 909 15.45 10.10 13.03
N ILE A 910 15.89 9.89 11.79
CA ILE A 910 15.27 10.54 10.65
C ILE A 910 13.81 10.12 10.51
N LEU A 911 13.55 8.82 10.66
CA LEU A 911 12.21 8.26 10.44
C LEU A 911 11.34 8.32 11.67
N GLY A 912 11.89 8.63 12.84
CA GLY A 912 11.08 8.65 14.06
C GLY A 912 10.51 7.30 14.42
N ILE A 913 11.33 6.25 14.35
CA ILE A 913 10.88 4.90 14.64
C ILE A 913 10.46 4.80 16.12
N GLY A 914 9.52 3.90 16.39
CA GLY A 914 9.11 3.61 17.76
C GLY A 914 10.29 3.36 18.68
N ASP A 915 10.12 3.67 19.96
CA ASP A 915 11.23 3.67 20.91
C ASP A 915 11.90 2.30 20.98
N ARG A 916 13.23 2.33 21.01
CA ARG A 916 14.03 1.11 21.09
C ARG A 916 14.23 0.69 22.53
N HIS A 917 14.42 -0.61 22.73
CA HIS A 917 14.71 -1.15 24.05
C HIS A 917 15.49 -2.45 23.88
N ASN A 918 15.74 -3.13 25.01
CA ASN A 918 16.56 -4.33 25.03
C ASN A 918 15.96 -5.49 24.26
N SER A 919 14.73 -5.37 23.77
CA SER A 919 14.12 -6.37 22.91
C SER A 919 13.91 -5.88 21.49
N ASN A 920 14.01 -4.58 21.23
CA ASN A 920 13.94 -4.04 19.87
C ASN A 920 15.28 -4.03 19.17
N ILE A 921 16.38 -4.24 19.90
CA ILE A 921 17.73 -4.17 19.35
C ILE A 921 18.31 -5.58 19.36
N MET A 922 18.81 -6.03 18.22
CA MET A 922 19.41 -7.35 18.08
C MET A 922 20.81 -7.22 17.50
N VAL A 923 21.67 -8.18 17.86
CA VAL A 923 23.05 -8.22 17.41
C VAL A 923 23.35 -9.61 16.87
N LYS A 924 24.00 -9.68 15.72
CA LYS A 924 24.42 -10.96 15.16
C LYS A 924 25.69 -11.45 15.86
N ASP A 925 26.13 -12.65 15.51
CA ASP A 925 27.35 -13.19 16.10
C ASP A 925 28.57 -12.40 15.66
N ASP A 926 28.61 -11.96 14.41
CA ASP A 926 29.75 -11.22 13.88
C ASP A 926 29.75 -9.76 14.31
N GLY A 927 28.77 -9.32 15.10
CA GLY A 927 28.72 -7.98 15.62
C GLY A 927 27.73 -7.06 14.94
N GLN A 928 27.09 -7.51 13.87
CA GLN A 928 26.17 -6.65 13.14
C GLN A 928 24.93 -6.36 14.00
N LEU A 929 24.74 -5.09 14.32
CA LEU A 929 23.58 -4.65 15.08
C LEU A 929 22.46 -4.24 14.13
N PHE A 930 21.23 -4.49 14.55
CA PHE A 930 20.06 -4.12 13.76
C PHE A 930 18.84 -4.08 14.67
N HIS A 931 17.81 -3.39 14.20
CA HIS A 931 16.56 -3.23 14.92
C HIS A 931 15.47 -4.08 14.27
N ILE A 932 14.47 -4.45 15.08
CA ILE A 932 13.30 -5.17 14.60
C ILE A 932 12.06 -4.47 15.12
N ASP A 933 10.91 -4.82 14.51
CA ASP A 933 9.61 -4.26 14.88
C ASP A 933 9.58 -2.74 14.70
N PHE A 934 9.26 -2.30 13.49
CA PHE A 934 9.09 -0.88 13.20
C PHE A 934 7.61 -0.59 13.02
N GLY A 935 6.87 -0.70 14.12
CA GLY A 935 5.42 -0.52 14.06
C GLY A 935 4.98 0.92 14.03
N HIS A 936 5.86 1.87 14.34
CA HIS A 936 5.53 3.28 14.34
C HIS A 936 6.69 4.07 13.75
N PHE A 937 6.36 5.07 12.94
CA PHE A 937 7.35 6.01 12.44
C PHE A 937 6.71 7.38 12.30
N LEU A 938 7.52 8.36 11.93
CA LEU A 938 7.11 9.77 11.81
C LEU A 938 6.65 10.26 13.18
N ASP A 939 5.69 11.18 13.20
CA ASP A 939 5.22 11.79 14.45
C ASP A 939 4.02 11.02 15.01
N HIS A 940 4.28 9.77 15.39
CA HIS A 940 3.22 8.91 15.89
C HIS A 940 2.74 9.35 17.26
N LYS A 941 3.59 10.00 18.04
CA LYS A 941 3.23 10.49 19.36
C LYS A 941 2.59 11.87 19.31
N LYS A 942 2.31 12.40 18.12
CA LYS A 942 1.78 13.76 18.01
C LYS A 942 0.35 13.84 18.50
N LYS A 943 -0.53 13.02 17.95
CA LYS A 943 -1.95 13.10 18.29
C LYS A 943 -2.22 12.59 19.71
N LYS A 944 -1.43 11.62 20.17
CA LYS A 944 -1.62 11.10 21.52
C LYS A 944 -1.34 12.18 22.55
N PHE A 945 -0.09 12.63 22.63
CA PHE A 945 0.30 13.76 23.46
C PHE A 945 0.89 14.84 22.57
N GLY A 946 0.26 16.00 22.56
CA GLY A 946 0.62 17.06 21.63
C GLY A 946 1.98 17.69 21.81
N TYR A 947 2.99 16.90 22.12
CA TYR A 947 4.35 17.39 22.25
C TYR A 947 4.98 17.54 20.86
N LYS A 948 5.55 18.71 20.60
CA LYS A 948 6.22 19.02 19.34
C LYS A 948 7.72 18.87 19.57
N ARG A 949 8.20 17.64 19.46
CA ARG A 949 9.62 17.36 19.63
C ARG A 949 10.00 16.19 18.72
N GLU A 950 11.29 16.13 18.41
CA GLU A 950 11.85 15.04 17.60
C GLU A 950 12.60 14.10 18.52
N ARG A 951 12.09 12.87 18.66
CA ARG A 951 12.70 11.89 19.54
C ARG A 951 13.95 11.30 18.92
N VAL A 952 14.87 10.87 19.79
CA VAL A 952 15.99 10.03 19.38
C VAL A 952 15.65 8.61 19.81
N PRO A 953 15.09 7.79 18.92
CA PRO A 953 14.61 6.47 19.35
C PRO A 953 15.72 5.53 19.77
N PHE A 954 16.91 5.66 19.18
CA PHE A 954 18.04 4.78 19.45
C PHE A 954 19.08 5.59 20.23
N VAL A 955 18.98 5.54 21.56
CA VAL A 955 19.94 6.20 22.44
C VAL A 955 21.04 5.20 22.74
N LEU A 956 22.26 5.49 22.28
CA LEU A 956 23.41 4.63 22.57
C LEU A 956 23.81 4.76 24.02
N THR A 957 23.29 3.89 24.88
CA THR A 957 23.63 3.92 26.30
C THR A 957 25.09 3.49 26.49
N GLN A 958 25.49 3.41 27.77
CA GLN A 958 26.86 3.02 28.09
C GLN A 958 27.21 1.65 27.52
N ASP A 959 26.22 0.75 27.41
CA ASP A 959 26.48 -0.59 26.90
C ASP A 959 27.04 -0.55 25.49
N PHE A 960 26.46 0.28 24.62
CA PHE A 960 26.87 0.30 23.23
C PHE A 960 28.18 1.05 23.04
N LEU A 961 28.40 2.12 23.80
CA LEU A 961 29.59 2.94 23.62
C LEU A 961 30.84 2.19 24.05
N ILE A 962 30.73 1.34 25.08
CA ILE A 962 31.88 0.52 25.51
C ILE A 962 32.32 -0.39 24.36
N VAL A 963 31.36 -0.91 23.59
CA VAL A 963 31.70 -1.80 22.49
C VAL A 963 32.41 -1.04 21.38
N ILE A 964 31.92 0.17 21.05
CA ILE A 964 32.50 0.94 19.95
C ILE A 964 33.93 1.33 20.26
N SER A 965 34.21 1.71 21.51
CA SER A 965 35.53 2.16 21.92
C SER A 965 36.44 1.01 22.34
N LYS A 966 36.08 -0.22 22.00
CA LYS A 966 36.89 -1.41 22.33
C LYS A 966 37.14 -1.51 23.83
N GLY A 967 36.11 -1.21 24.62
CA GLY A 967 36.22 -1.33 26.07
C GLY A 967 37.08 -0.27 26.72
N ALA A 968 37.08 0.94 26.18
CA ALA A 968 37.84 2.04 26.75
C ALA A 968 36.98 2.82 27.74
N GLN A 969 37.51 3.01 28.95
CA GLN A 969 36.80 3.81 29.94
C GLN A 969 36.65 5.25 29.46
N GLU A 970 35.53 5.87 29.81
CA GLU A 970 35.16 7.19 29.31
C GLU A 970 35.08 7.13 27.79
N CYS A 971 33.96 6.60 27.29
CA CYS A 971 33.84 6.23 25.87
C CYS A 971 33.63 7.42 24.96
N THR A 972 33.25 8.58 25.49
CA THR A 972 32.99 9.76 24.67
C THR A 972 34.25 10.50 24.29
N LYS A 973 35.44 9.94 24.54
CA LYS A 973 36.70 10.64 24.33
C LYS A 973 37.72 9.81 23.57
N THR A 974 37.33 8.68 22.99
CA THR A 974 38.25 7.82 22.27
C THR A 974 38.26 8.16 20.79
N ARG A 975 39.30 7.66 20.10
CA ARG A 975 39.38 7.86 18.66
C ARG A 975 38.31 7.06 17.93
N GLU A 976 37.85 5.97 18.54
CA GLU A 976 36.79 5.18 17.91
C GLU A 976 35.45 5.87 17.99
N PHE A 977 35.20 6.65 19.04
CA PHE A 977 33.94 7.37 19.13
C PHE A 977 33.90 8.56 18.19
N GLU A 978 35.04 9.22 17.97
CA GLU A 978 35.09 10.32 17.01
C GLU A 978 34.82 9.81 15.60
N ARG A 979 35.43 8.67 15.23
CA ARG A 979 35.13 8.07 13.93
C ARG A 979 33.70 7.56 13.88
N PHE A 980 33.12 7.21 15.04
CA PHE A 980 31.72 6.84 15.07
C PHE A 980 30.81 8.03 14.78
N GLN A 981 31.15 9.20 15.33
CA GLN A 981 30.39 10.41 15.01
C GLN A 981 30.59 10.81 13.56
N GLU A 982 31.81 10.62 13.02
CA GLU A 982 32.09 11.02 11.65
C GLU A 982 31.22 10.27 10.66
N MET A 983 30.94 9.00 10.93
CA MET A 983 30.07 8.23 10.05
C MET A 983 28.61 8.67 10.18
N CYS A 984 28.20 9.03 11.40
CA CYS A 984 26.83 9.51 11.61
C CYS A 984 26.60 10.82 10.88
N TYR A 985 27.57 11.74 10.93
CA TYR A 985 27.45 12.99 10.19
C TYR A 985 27.50 12.74 8.70
N LYS A 986 28.35 11.80 8.27
CA LYS A 986 28.38 11.42 6.86
C LYS A 986 27.07 10.77 6.44
N ALA A 987 26.48 9.96 7.32
CA ALA A 987 25.21 9.32 6.99
C ALA A 987 24.06 10.32 7.00
N TYR A 988 24.03 11.21 7.99
CA TYR A 988 22.93 12.16 8.10
C TYR A 988 22.90 13.11 6.90
N LEU A 989 24.06 13.64 6.53
CA LEU A 989 24.10 14.55 5.38
C LEU A 989 23.84 13.79 4.07
N ALA A 990 24.26 12.53 3.98
CA ALA A 990 24.02 11.76 2.77
C ALA A 990 22.52 11.56 2.52
N ILE A 991 21.79 11.18 3.57
CA ILE A 991 20.35 11.03 3.44
C ILE A 991 19.69 12.39 3.21
N ARG A 992 20.20 13.43 3.88
CA ARG A 992 19.66 14.76 3.67
C ARG A 992 19.87 15.24 2.24
N GLN A 993 20.93 14.77 1.59
CA GLN A 993 21.16 15.13 0.18
C GLN A 993 20.15 14.47 -0.74
N HIS A 994 19.66 13.28 -0.37
CA HIS A 994 18.62 12.58 -1.12
C HIS A 994 17.25 12.73 -0.47
N ALA A 995 16.99 13.88 0.17
CA ALA A 995 15.75 14.05 0.91
C ALA A 995 14.53 14.02 0.00
N ASN A 996 14.66 14.52 -1.24
CA ASN A 996 13.52 14.53 -2.15
C ASN A 996 13.05 13.13 -2.48
N LEU A 997 13.99 12.19 -2.61
CA LEU A 997 13.61 10.81 -2.88
C LEU A 997 12.77 10.22 -1.76
N PHE A 998 13.17 10.47 -0.50
CA PHE A 998 12.44 9.89 0.62
C PHE A 998 11.11 10.59 0.84
N ILE A 999 11.02 11.89 0.55
CA ILE A 999 9.74 12.58 0.65
C ILE A 999 8.76 12.03 -0.37
N ASN A 1000 9.24 11.76 -1.59
CA ASN A 1000 8.36 11.24 -2.63
C ASN A 1000 7.93 9.81 -2.34
N LEU A 1001 8.84 9.00 -1.78
CA LEU A 1001 8.46 7.63 -1.42
C LEU A 1001 7.34 7.62 -0.39
N PHE A 1002 7.44 8.47 0.63
CA PHE A 1002 6.35 8.60 1.58
C PHE A 1002 5.12 9.24 0.95
N SER A 1003 5.32 10.15 0.00
CA SER A 1003 4.20 10.82 -0.64
C SER A 1003 3.38 9.85 -1.49
N MET A 1004 4.03 8.83 -2.07
CA MET A 1004 3.33 7.86 -2.88
C MET A 1004 2.55 6.84 -2.06
N MET A 1005 2.76 6.80 -0.75
CA MET A 1005 2.04 5.90 0.14
C MET A 1005 0.88 6.57 0.84
N LEU A 1006 0.55 7.82 0.49
CA LEU A 1006 -0.43 8.58 1.24
C LEU A 1006 -1.83 7.99 1.13
N GLY A 1007 -2.16 7.37 0.00
CA GLY A 1007 -3.47 6.78 -0.16
C GLY A 1007 -3.56 5.32 0.21
N SER A 1008 -2.50 4.76 0.77
CA SER A 1008 -2.48 3.32 1.06
C SER A 1008 -3.51 2.94 2.11
N GLY A 1009 -3.63 3.75 3.15
CA GLY A 1009 -4.44 3.41 4.32
C GLY A 1009 -3.63 3.23 5.59
N MET A 1010 -2.32 3.40 5.55
CA MET A 1010 -1.51 3.31 6.76
C MET A 1010 -1.84 4.49 7.68
N PRO A 1011 -1.96 4.25 8.99
CA PRO A 1011 -2.50 5.30 9.86
C PRO A 1011 -1.58 6.50 10.03
N GLU A 1012 -0.27 6.25 10.14
CA GLU A 1012 0.69 7.32 10.42
C GLU A 1012 1.21 7.98 9.15
N LEU A 1013 0.50 7.82 8.03
CA LEU A 1013 0.88 8.38 6.74
C LEU A 1013 -0.41 8.64 5.95
N GLN A 1014 -1.19 9.60 6.42
CA GLN A 1014 -2.46 9.96 5.80
C GLN A 1014 -2.45 11.32 5.12
N SER A 1015 -1.76 12.30 5.68
CA SER A 1015 -1.67 13.63 5.09
C SER A 1015 -0.21 14.01 4.89
N PHE A 1016 0.02 15.07 4.11
CA PHE A 1016 1.36 15.59 3.95
C PHE A 1016 1.93 16.12 5.26
N ASP A 1017 1.06 16.47 6.21
CA ASP A 1017 1.54 16.87 7.53
C ASP A 1017 2.30 15.74 8.21
N ASP A 1018 1.89 14.50 7.96
CA ASP A 1018 2.62 13.36 8.50
C ASP A 1018 4.03 13.30 7.92
N ILE A 1019 4.17 13.61 6.63
CA ILE A 1019 5.48 13.58 5.98
C ILE A 1019 6.35 14.74 6.45
N ALA A 1020 5.76 15.82 6.93
CA ALA A 1020 6.53 16.97 7.40
C ALA A 1020 7.45 16.64 8.56
N TYR A 1021 7.32 15.45 9.17
CA TYR A 1021 8.20 15.07 10.26
C TYR A 1021 9.64 14.90 9.79
N ILE A 1022 9.84 14.24 8.65
CA ILE A 1022 11.20 14.07 8.15
C ILE A 1022 11.77 15.39 7.65
N ARG A 1023 10.93 16.36 7.33
CA ARG A 1023 11.43 17.69 7.00
C ARG A 1023 12.01 18.39 8.22
N LYS A 1024 11.62 17.96 9.43
CA LYS A 1024 12.20 18.50 10.66
C LYS A 1024 13.44 17.73 11.08
N THR A 1025 13.41 16.39 11.02
CA THR A 1025 14.59 15.62 11.39
C THR A 1025 15.74 15.85 10.44
N LEU A 1026 15.45 16.13 9.17
CA LEU A 1026 16.48 16.46 8.20
C LEU A 1026 16.74 17.96 8.10
N ALA A 1027 15.92 18.78 8.77
CA ALA A 1027 16.09 20.23 8.83
C ALA A 1027 16.28 20.81 7.44
N LEU A 1028 15.25 20.63 6.61
CA LEU A 1028 15.35 21.01 5.21
C LEU A 1028 15.28 22.52 5.03
N ASP A 1029 14.59 23.23 5.92
CA ASP A 1029 14.50 24.68 5.84
C ASP A 1029 15.71 25.40 6.44
N LYS A 1030 16.82 24.68 6.62
CA LYS A 1030 18.05 25.24 7.14
C LYS A 1030 19.18 24.93 6.16
N THR A 1031 20.36 25.48 6.44
CA THR A 1031 21.52 25.15 5.62
C THR A 1031 22.11 23.82 6.05
N GLU A 1032 23.05 23.32 5.25
CA GLU A 1032 23.66 22.03 5.54
C GLU A 1032 24.44 22.07 6.84
N GLN A 1033 25.14 23.18 7.11
CA GLN A 1033 25.81 23.34 8.39
C GLN A 1033 24.80 23.53 9.51
N GLU A 1034 23.72 24.25 9.23
CA GLU A 1034 22.67 24.45 10.24
C GLU A 1034 22.01 23.13 10.61
N ALA A 1035 21.78 22.26 9.62
CA ALA A 1035 21.15 20.97 9.90
C ALA A 1035 22.08 20.06 10.67
N LEU A 1036 23.37 20.05 10.32
CA LEU A 1036 24.31 19.23 11.06
C LEU A 1036 24.48 19.72 12.50
N GLU A 1037 24.35 21.04 12.71
CA GLU A 1037 24.28 21.55 14.08
C GLU A 1037 23.04 21.02 14.79
N TYR A 1038 21.92 20.96 14.08
CA TYR A 1038 20.69 20.43 14.67
C TYR A 1038 20.83 18.95 15.03
N PHE A 1039 21.48 18.17 14.15
CA PHE A 1039 21.67 16.76 14.43
C PHE A 1039 22.58 16.54 15.62
N MET A 1040 23.64 17.34 15.74
CA MET A 1040 24.54 17.21 16.89
C MET A 1040 23.82 17.57 18.18
N LYS A 1041 23.00 18.62 18.15
CA LYS A 1041 22.26 19.02 19.35
C LYS A 1041 21.26 17.95 19.77
N GLN A 1042 20.59 17.33 18.80
CA GLN A 1042 19.66 16.26 19.14
C GLN A 1042 20.40 15.04 19.68
N MET A 1043 21.57 14.72 19.11
CA MET A 1043 22.37 13.64 19.66
C MET A 1043 22.95 14.02 21.02
N ASN A 1044 23.22 15.31 21.25
CA ASN A 1044 23.74 15.74 22.54
C ASN A 1044 22.68 15.63 23.63
N ASP A 1045 21.49 16.19 23.37
CA ASP A 1045 20.43 16.18 24.38
C ASP A 1045 19.94 14.77 24.68
N ALA A 1046 20.19 13.81 23.78
CA ALA A 1046 19.73 12.46 24.01
C ALA A 1046 20.75 11.65 24.80
N HIS A 1047 22.04 11.88 24.54
CA HIS A 1047 23.11 11.16 25.19
C HIS A 1047 23.74 11.93 26.35
N HIS A 1048 23.15 13.07 26.72
CA HIS A 1048 23.59 13.86 27.87
C HIS A 1048 25.04 14.31 27.73
N GLY A 1049 25.37 14.82 26.55
CA GLY A 1049 26.70 15.32 26.27
C GLY A 1049 27.58 14.30 25.59
N GLY A 1050 28.70 14.79 25.03
CA GLY A 1050 29.69 13.98 24.35
C GLY A 1050 29.81 14.30 22.88
N TRP A 1051 28.73 14.72 22.24
CA TRP A 1051 28.71 15.02 20.81
C TRP A 1051 29.05 16.49 20.63
N THR A 1052 30.32 16.78 20.33
CA THR A 1052 30.76 18.16 20.13
C THR A 1052 31.56 18.29 18.84
N MET B 26 -1.33 51.89 14.36
CA MET B 26 -0.25 51.10 13.79
C MET B 26 0.23 50.02 14.77
N SER B 27 1.37 50.31 15.42
CA SER B 27 2.03 49.45 16.38
C SER B 27 2.64 48.21 15.72
N LEU B 28 3.72 47.69 16.29
CA LEU B 28 4.43 46.55 15.73
C LEU B 28 4.40 45.37 16.69
N GLN B 29 4.21 44.17 16.13
CA GLN B 29 4.19 42.92 16.90
C GLN B 29 2.93 42.85 17.75
N ASP B 30 2.15 43.93 17.78
CA ASP B 30 0.84 43.88 18.41
C ASP B 30 -0.24 43.39 17.46
N ALA B 31 0.12 43.06 16.23
CA ALA B 31 -0.86 42.71 15.21
C ALA B 31 -1.54 41.40 15.56
N GLU B 32 -2.87 41.43 15.62
CA GLU B 32 -3.64 40.20 15.87
C GLU B 32 -3.39 39.18 14.76
N TRP B 33 -3.25 39.63 13.52
CA TRP B 33 -2.99 38.75 12.39
C TRP B 33 -1.54 38.29 12.33
N TYR B 34 -0.68 38.76 13.23
CA TYR B 34 0.72 38.36 13.24
C TYR B 34 0.95 37.26 14.26
N TRP B 35 1.78 36.28 13.88
CA TRP B 35 2.13 35.17 14.74
C TRP B 35 3.61 34.87 14.55
N GLY B 36 4.25 34.36 15.60
CA GLY B 36 5.68 34.11 15.56
C GLY B 36 6.08 32.86 14.81
N ASP B 37 6.56 31.85 15.55
CA ASP B 37 7.07 30.62 14.96
C ASP B 37 5.98 29.60 14.67
N ILE B 38 4.82 30.03 14.18
CA ILE B 38 3.78 29.08 13.80
C ILE B 38 4.18 28.41 12.49
N SER B 39 3.85 27.13 12.38
CA SER B 39 4.19 26.38 11.18
C SER B 39 3.12 26.56 10.11
N ARG B 40 3.50 26.30 8.86
CA ARG B 40 2.51 26.28 7.79
C ARG B 40 1.41 25.28 8.07
N GLU B 41 1.75 24.16 8.72
CA GLU B 41 0.74 23.18 9.11
C GLU B 41 -0.24 23.76 10.11
N GLU B 42 0.22 24.68 10.96
CA GLU B 42 -0.68 25.36 11.88
C GLU B 42 -1.52 26.43 11.16
N VAL B 43 -0.93 27.11 10.18
CA VAL B 43 -1.69 28.07 9.38
C VAL B 43 -2.77 27.34 8.58
N ASN B 44 -2.45 26.15 8.09
CA ASN B 44 -3.45 25.37 7.34
C ASN B 44 -4.65 25.04 8.20
N GLU B 45 -4.42 24.63 9.45
CA GLU B 45 -5.54 24.33 10.34
C GLU B 45 -6.34 25.57 10.69
N LYS B 46 -5.70 26.74 10.69
CA LYS B 46 -6.41 27.99 10.95
C LYS B 46 -7.12 28.53 9.72
N LEU B 47 -6.67 28.16 8.52
CA LEU B 47 -7.29 28.59 7.28
C LEU B 47 -8.12 27.50 6.62
N ARG B 48 -8.25 26.33 7.26
CA ARG B 48 -9.01 25.24 6.66
C ARG B 48 -10.48 25.60 6.57
N ASP B 49 -11.04 25.50 5.36
CA ASP B 49 -12.44 25.74 5.04
C ASP B 49 -12.84 27.21 5.17
N THR B 50 -11.88 28.12 5.34
CA THR B 50 -12.22 29.53 5.47
C THR B 50 -12.59 30.12 4.11
N ALA B 51 -13.19 31.31 4.15
CA ALA B 51 -13.65 31.99 2.95
C ALA B 51 -12.53 32.83 2.35
N ASP B 52 -12.73 33.24 1.09
CA ASP B 52 -11.75 34.07 0.41
C ASP B 52 -11.54 35.38 1.15
N GLY B 53 -10.27 35.77 1.29
CA GLY B 53 -9.89 36.94 2.06
C GLY B 53 -9.31 36.62 3.42
N THR B 54 -9.47 35.39 3.90
CA THR B 54 -8.90 35.00 5.18
C THR B 54 -7.38 35.00 5.09
N PHE B 55 -6.72 35.62 6.06
CA PHE B 55 -5.28 35.81 5.97
C PHE B 55 -4.67 35.85 7.37
N LEU B 56 -3.34 35.77 7.39
CA LEU B 56 -2.52 35.96 8.58
C LEU B 56 -1.07 36.03 8.14
N VAL B 57 -0.25 36.71 8.93
CA VAL B 57 1.17 36.89 8.64
C VAL B 57 1.98 36.18 9.72
N ARG B 58 3.09 35.55 9.31
CA ARG B 58 3.96 34.84 10.23
C ARG B 58 5.41 35.03 9.79
N ASP B 59 6.33 34.66 10.67
CA ASP B 59 7.75 34.67 10.33
C ASP B 59 8.02 33.66 9.23
N ALA B 60 8.97 33.98 8.36
CA ALA B 60 9.30 33.11 7.25
C ALA B 60 9.82 31.77 7.75
N SER B 61 9.46 30.70 7.05
CA SER B 61 9.89 29.36 7.44
C SER B 61 11.39 29.17 7.30
N THR B 62 12.08 30.05 6.56
CA THR B 62 13.54 30.05 6.60
C THR B 62 14.07 30.36 8.00
N LYS B 63 13.22 30.86 8.89
CA LYS B 63 13.59 31.20 10.27
C LYS B 63 14.68 32.27 10.33
N MET B 64 14.88 33.00 9.24
CA MET B 64 15.88 34.06 9.23
C MET B 64 15.49 35.23 10.15
N HIS B 65 14.22 35.28 10.58
CA HIS B 65 13.56 36.30 11.40
C HIS B 65 13.49 37.68 10.73
N GLY B 66 14.10 37.88 9.57
CA GLY B 66 14.01 39.18 8.92
C GLY B 66 12.91 39.26 7.89
N ASP B 67 12.49 38.12 7.36
CA ASP B 67 11.44 38.05 6.37
C ASP B 67 10.18 37.42 6.96
N TYR B 68 9.04 37.80 6.42
CA TYR B 68 7.75 37.31 6.85
C TYR B 68 7.00 36.69 5.67
N THR B 69 5.88 36.04 5.97
CA THR B 69 5.09 35.34 4.95
C THR B 69 3.61 35.60 5.21
N LEU B 70 2.96 36.30 4.28
CA LEU B 70 1.51 36.50 4.31
C LEU B 70 0.84 35.30 3.65
N THR B 71 -0.05 34.65 4.38
CA THR B 71 -0.81 33.52 3.89
C THR B 71 -2.25 33.96 3.63
N LEU B 72 -2.70 33.81 2.38
CA LEU B 72 -4.02 34.28 1.97
C LEU B 72 -4.85 33.10 1.46
N ARG B 73 -6.14 33.11 1.82
CA ARG B 73 -7.08 32.11 1.36
C ARG B 73 -7.75 32.61 0.07
N LYS B 74 -7.58 31.85 -1.01
CA LYS B 74 -8.14 32.26 -2.30
C LYS B 74 -8.52 31.02 -3.10
N GLY B 75 -9.80 30.92 -3.45
CA GLY B 75 -10.28 29.84 -4.31
C GLY B 75 -10.07 28.46 -3.73
N GLY B 76 -10.17 28.31 -2.41
CA GLY B 76 -9.98 27.04 -1.77
C GLY B 76 -8.54 26.65 -1.52
N ASN B 77 -7.59 27.49 -1.89
CA ASN B 77 -6.17 27.22 -1.67
C ASN B 77 -5.59 28.28 -0.75
N ASN B 78 -4.47 27.91 -0.12
CA ASN B 78 -3.72 28.83 0.74
C ASN B 78 -2.54 29.36 -0.04
N LYS B 79 -2.60 30.63 -0.43
CA LYS B 79 -1.55 31.28 -1.20
C LYS B 79 -0.51 31.86 -0.26
N LEU B 80 0.75 31.51 -0.48
CA LEU B 80 1.86 32.06 0.29
C LEU B 80 2.44 33.25 -0.46
N ILE B 81 2.48 34.41 0.19
CA ILE B 81 2.95 35.64 -0.40
C ILE B 81 4.08 36.18 0.48
N LYS B 82 5.31 36.11 -0.04
CA LYS B 82 6.47 36.56 0.72
C LYS B 82 6.49 38.08 0.83
N ILE B 83 6.90 38.57 2.00
CA ILE B 83 7.04 40.01 2.22
C ILE B 83 8.52 40.35 2.27
N PHE B 84 9.09 40.72 1.12
CA PHE B 84 10.50 41.05 1.05
C PHE B 84 10.81 42.31 1.85
N HIS B 85 12.03 42.39 2.36
CA HIS B 85 12.48 43.51 3.17
C HIS B 85 13.86 43.94 2.73
N ARG B 86 14.02 45.24 2.48
CA ARG B 86 15.31 45.82 2.14
C ARG B 86 15.35 47.24 2.69
N ASP B 87 16.53 47.63 3.19
CA ASP B 87 16.69 48.90 3.90
C ASP B 87 15.69 48.98 5.05
N GLY B 88 14.69 49.85 4.90
CA GLY B 88 13.60 49.91 5.85
C GLY B 88 12.27 49.73 5.14
N LYS B 89 12.33 49.40 3.85
CA LYS B 89 11.16 49.29 3.00
C LYS B 89 10.67 47.84 2.94
N TYR B 90 9.35 47.68 2.87
CA TYR B 90 8.72 46.38 2.77
C TYR B 90 7.78 46.37 1.57
N GLY B 91 7.56 45.18 1.02
CA GLY B 91 6.67 45.04 -0.11
C GLY B 91 6.70 43.63 -0.65
N PHE B 92 5.77 43.37 -1.58
CA PHE B 92 5.68 42.06 -2.20
C PHE B 92 6.66 41.91 -3.35
N SER B 93 7.03 43.01 -4.00
CA SER B 93 7.97 42.97 -5.11
C SER B 93 8.59 44.35 -5.27
N ASP B 94 9.73 44.39 -5.96
CA ASP B 94 10.39 45.66 -6.23
C ASP B 94 9.50 46.50 -7.16
N PRO B 95 9.35 47.80 -6.88
CA PRO B 95 10.00 48.50 -5.75
C PRO B 95 9.27 48.31 -4.42
N LEU B 96 10.05 48.19 -3.35
CA LEU B 96 9.50 48.09 -2.00
C LEU B 96 9.30 49.51 -1.46
N THR B 97 8.07 49.83 -1.09
CA THR B 97 7.70 51.20 -0.73
C THR B 97 7.24 51.37 0.71
N PHE B 98 6.64 50.36 1.31
CA PHE B 98 5.99 50.51 2.61
C PHE B 98 7.02 50.56 3.74
N SER B 99 6.66 51.26 4.82
CA SER B 99 7.57 51.49 5.93
C SER B 99 7.36 50.53 7.10
N SER B 100 6.16 49.99 7.28
CA SER B 100 5.90 49.00 8.31
C SER B 100 5.19 47.82 7.69
N VAL B 101 5.49 46.62 8.18
CA VAL B 101 4.77 45.43 7.74
C VAL B 101 3.29 45.57 8.02
N VAL B 102 2.93 46.32 9.06
CA VAL B 102 1.53 46.67 9.29
C VAL B 102 1.01 47.53 8.16
N GLU B 103 1.76 48.57 7.78
CA GLU B 103 1.36 49.46 6.70
C GLU B 103 1.11 48.69 5.40
N LEU B 104 1.85 47.60 5.17
CA LEU B 104 1.57 46.76 4.02
C LEU B 104 0.26 46.01 4.18
N ILE B 105 -0.04 45.54 5.40
CA ILE B 105 -1.29 44.84 5.65
C ILE B 105 -2.45 45.82 5.72
N ASN B 106 -2.22 47.00 6.31
CA ASN B 106 -3.27 48.02 6.34
C ASN B 106 -3.72 48.40 4.95
N HIS B 107 -2.77 48.58 4.03
CA HIS B 107 -3.08 49.04 2.68
C HIS B 107 -4.00 48.05 1.96
N TYR B 108 -3.61 46.78 1.93
CA TYR B 108 -4.40 45.77 1.23
C TYR B 108 -5.60 45.28 2.04
N ARG B 109 -5.70 45.63 3.32
CA ARG B 109 -6.93 45.36 4.06
C ARG B 109 -8.07 46.24 3.56
N ASN B 110 -7.77 47.33 2.87
CA ASN B 110 -8.78 48.22 2.31
C ASN B 110 -8.79 48.26 0.79
N GLU B 111 -7.76 47.73 0.12
CA GLU B 111 -7.68 47.74 -1.33
C GLU B 111 -7.44 46.32 -1.84
N SER B 112 -7.68 46.12 -3.13
CA SER B 112 -7.60 44.79 -3.71
C SER B 112 -6.17 44.45 -4.12
N LEU B 113 -5.87 43.15 -4.12
CA LEU B 113 -4.58 42.64 -4.56
C LEU B 113 -4.52 42.40 -6.06
N ALA B 114 -5.60 42.70 -6.79
CA ALA B 114 -5.60 42.51 -8.24
C ALA B 114 -4.61 43.43 -8.93
N GLN B 115 -4.31 44.59 -8.32
CA GLN B 115 -3.33 45.50 -8.91
C GLN B 115 -1.92 44.95 -8.80
N TYR B 116 -1.58 44.36 -7.65
CA TYR B 116 -0.27 43.75 -7.48
C TYR B 116 -0.10 42.55 -8.40
N ASN B 117 -1.15 41.74 -8.55
CA ASN B 117 -1.17 40.60 -9.45
C ASN B 117 -2.60 40.26 -9.83
N PRO B 118 -2.89 40.02 -11.12
CA PRO B 118 -4.21 39.48 -11.48
C PRO B 118 -4.40 38.10 -10.89
N LYS B 119 -5.53 37.46 -11.18
CA LYS B 119 -5.90 36.17 -10.59
C LYS B 119 -5.97 36.25 -9.06
N LEU B 120 -6.08 37.45 -8.52
CA LEU B 120 -6.32 37.67 -7.10
C LEU B 120 -7.71 38.25 -6.88
N ASP B 121 -7.95 39.51 -7.29
CA ASP B 121 -9.26 40.16 -7.17
C ASP B 121 -9.83 40.01 -5.76
N VAL B 122 -8.94 40.08 -4.77
CA VAL B 122 -9.26 39.79 -3.39
C VAL B 122 -8.44 40.71 -2.51
N LYS B 123 -9.01 41.06 -1.36
CA LYS B 123 -8.33 41.88 -0.36
C LYS B 123 -8.18 41.07 0.92
N LEU B 124 -7.33 41.59 1.81
CA LEU B 124 -7.11 40.99 3.12
C LEU B 124 -8.27 41.37 4.03
N LEU B 125 -9.38 40.67 3.85
CA LEU B 125 -10.64 41.04 4.51
C LEU B 125 -10.83 40.33 5.84
N TYR B 126 -10.57 39.02 5.91
CA TYR B 126 -10.88 38.24 7.09
C TYR B 126 -9.61 37.87 7.84
N PRO B 127 -9.43 38.30 9.08
CA PRO B 127 -8.15 38.11 9.75
C PRO B 127 -8.20 37.13 10.91
N VAL B 128 -7.37 36.08 10.86
CA VAL B 128 -7.22 35.18 12.00
C VAL B 128 -6.48 35.93 13.10
N SER B 129 -7.07 35.94 14.30
CA SER B 129 -6.59 36.77 15.40
C SER B 129 -6.15 35.91 16.57
N LYS B 130 -5.00 36.25 17.15
CA LYS B 130 -4.50 35.57 18.35
C LYS B 130 -5.38 35.83 19.57
N TYR B 131 -6.25 36.83 19.53
CA TYR B 131 -7.19 37.05 20.63
C TYR B 131 -8.14 35.87 20.75
N GLN B 132 -8.86 35.55 19.68
CA GLN B 132 -9.72 34.37 19.67
C GLN B 132 -8.92 33.07 19.70
N GLN B 133 -7.61 33.13 19.44
CA GLN B 133 -6.77 31.95 19.63
C GLN B 133 -6.64 31.63 21.11
N ASP B 134 -6.23 32.61 21.92
CA ASP B 134 -6.12 32.42 23.37
C ASP B 134 -7.47 32.18 24.04
N GLN B 135 -8.59 32.34 23.32
CA GLN B 135 -9.93 32.23 23.90
C GLN B 135 -10.20 30.87 24.55
N VAL B 136 -9.31 29.91 24.30
CA VAL B 136 -9.46 28.57 24.88
C VAL B 136 -8.89 28.51 26.28
N VAL B 137 -7.63 28.90 26.46
CA VAL B 137 -7.00 28.86 27.77
C VAL B 137 -7.55 30.00 28.61
N LYS B 138 -8.37 29.66 29.62
CA LYS B 138 -9.06 30.65 30.44
C LYS B 138 -8.50 30.69 31.86
N GLU B 139 -7.23 30.34 32.03
CA GLU B 139 -6.59 30.29 33.34
C GLU B 139 -5.50 31.34 33.43
N ASP B 140 -5.25 31.81 34.65
CA ASP B 140 -4.28 32.88 34.87
C ASP B 140 -2.95 32.35 35.39
N ASN B 141 -2.96 31.80 36.60
CA ASN B 141 -1.73 31.27 37.19
C ASN B 141 -1.25 30.04 36.44
N ILE B 142 0.07 29.91 36.31
CA ILE B 142 0.66 28.77 35.61
C ILE B 142 0.27 27.46 36.28
N GLU B 143 0.01 27.49 37.59
CA GLU B 143 -0.45 26.29 38.28
C GLU B 143 -1.84 25.90 37.84
N ALA B 144 -2.70 26.88 37.53
CA ALA B 144 -4.04 26.59 37.08
C ALA B 144 -4.02 25.98 35.67
N VAL B 145 -3.13 26.48 34.81
CA VAL B 145 -3.04 25.92 33.46
C VAL B 145 -2.53 24.49 33.51
N GLY B 146 -1.51 24.24 34.33
CA GLY B 146 -1.04 22.87 34.50
C GLY B 146 -2.07 21.97 35.14
N LYS B 147 -2.82 22.50 36.11
CA LYS B 147 -3.89 21.72 36.72
C LYS B 147 -5.00 21.44 35.72
N LYS B 148 -5.35 22.42 34.90
CA LYS B 148 -6.38 22.20 33.89
C LYS B 148 -5.88 21.30 32.78
N LEU B 149 -4.61 21.46 32.37
CA LEU B 149 -4.05 20.58 31.35
C LEU B 149 -4.08 19.13 31.79
N HIS B 150 -3.78 18.87 33.06
CA HIS B 150 -3.84 17.51 33.58
C HIS B 150 -5.27 16.97 33.56
N GLU B 151 -6.27 17.84 33.69
CA GLU B 151 -7.66 17.39 33.59
C GLU B 151 -8.02 17.02 32.16
N TYR B 152 -7.78 17.95 31.22
CA TYR B 152 -8.12 17.69 29.82
C TYR B 152 -7.32 16.52 29.25
N ASN B 153 -6.07 16.35 29.69
CA ASN B 153 -5.28 15.21 29.24
C ASN B 153 -5.92 13.91 29.67
N THR B 154 -6.28 13.81 30.95
CA THR B 154 -6.92 12.60 31.45
C THR B 154 -8.23 12.34 30.71
N GLN B 155 -9.03 13.39 30.50
CA GLN B 155 -10.27 13.23 29.75
C GLN B 155 -10.00 12.78 28.33
N PHE B 156 -8.93 13.29 27.71
CA PHE B 156 -8.64 12.96 26.32
C PHE B 156 -8.19 11.51 26.18
N GLN B 157 -7.35 11.04 27.09
CA GLN B 157 -6.93 9.64 27.03
C GLN B 157 -8.12 8.71 27.24
N GLU B 158 -8.99 9.04 28.18
CA GLU B 158 -10.19 8.23 28.40
C GLU B 158 -11.12 8.26 27.20
N LYS B 159 -11.28 9.44 26.59
CA LYS B 159 -12.12 9.52 25.40
C LYS B 159 -11.49 8.81 24.21
N SER B 160 -10.15 8.77 24.16
CA SER B 160 -9.47 8.09 23.05
C SER B 160 -9.58 6.58 23.19
N ARG B 161 -9.35 6.06 24.40
CA ARG B 161 -9.53 4.62 24.63
C ARG B 161 -10.97 4.20 24.36
N GLU B 162 -11.92 5.08 24.64
CA GLU B 162 -13.32 4.80 24.31
C GLU B 162 -13.51 4.76 22.80
N TYR B 163 -12.88 5.68 22.07
CA TYR B 163 -13.04 5.71 20.61
C TYR B 163 -12.33 4.53 19.96
N ASP B 164 -11.15 4.15 20.46
CA ASP B 164 -10.40 3.06 19.85
C ASP B 164 -11.10 1.72 20.03
N ARG B 165 -11.66 1.48 21.22
CA ARG B 165 -12.43 0.25 21.43
C ARG B 165 -13.68 0.22 20.57
N LEU B 166 -14.37 1.36 20.47
CA LEU B 166 -15.58 1.43 19.66
C LEU B 166 -15.26 1.27 18.18
N TYR B 167 -14.09 1.73 17.74
CA TYR B 167 -13.68 1.53 16.36
C TYR B 167 -13.34 0.08 16.07
N GLU B 168 -12.83 -0.65 17.07
CA GLU B 168 -12.56 -2.07 16.89
C GLU B 168 -13.86 -2.85 16.70
N GLU B 169 -14.89 -2.53 17.48
CA GLU B 169 -16.20 -3.14 17.27
C GLU B 169 -16.77 -2.74 15.92
N TYR B 170 -16.54 -1.49 15.50
CA TYR B 170 -17.00 -1.04 14.19
C TYR B 170 -16.39 -1.90 13.08
N THR B 171 -15.07 -2.14 13.15
CA THR B 171 -14.41 -2.89 12.10
C THR B 171 -14.82 -4.36 12.12
N ARG B 172 -14.86 -4.97 13.31
CA ARG B 172 -15.23 -6.37 13.41
C ARG B 172 -16.67 -6.60 12.96
N THR B 173 -17.58 -5.72 13.38
CA THR B 173 -18.97 -5.86 12.94
C THR B 173 -19.09 -5.68 11.44
N SER B 174 -18.34 -4.73 10.87
CA SER B 174 -18.36 -4.55 9.43
C SER B 174 -17.82 -5.76 8.69
N GLN B 175 -16.76 -6.37 9.23
CA GLN B 175 -16.18 -7.54 8.59
C GLN B 175 -17.12 -8.74 8.67
N GLU B 176 -17.72 -8.97 9.84
CA GLU B 176 -18.62 -10.11 10.00
C GLU B 176 -19.88 -9.94 9.17
N ILE B 177 -20.34 -8.71 8.98
CA ILE B 177 -21.50 -8.48 8.11
C ILE B 177 -21.19 -8.89 6.69
N GLN B 178 -19.97 -8.61 6.22
N GLN B 178 -19.97 -8.60 6.21
CA GLN B 178 -19.59 -9.00 4.86
CA GLN B 178 -19.58 -8.99 4.86
C GLN B 178 -19.49 -10.51 4.73
C GLN B 178 -19.51 -10.51 4.73
N MET B 179 -19.07 -11.20 5.78
CA MET B 179 -19.02 -12.66 5.75
C MET B 179 -20.43 -13.25 5.69
N LYS B 180 -21.36 -12.70 6.46
CA LYS B 180 -22.73 -13.18 6.44
C LYS B 180 -23.38 -12.97 5.08
N ARG B 181 -23.14 -11.82 4.46
CA ARG B 181 -23.71 -11.57 3.13
C ARG B 181 -23.15 -12.54 2.10
N THR B 182 -21.88 -12.92 2.24
CA THR B 182 -21.29 -13.90 1.33
C THR B 182 -21.89 -15.28 1.57
N ALA B 183 -22.02 -15.68 2.83
CA ALA B 183 -22.61 -16.98 3.14
C ALA B 183 -24.07 -17.05 2.73
N ILE B 184 -24.78 -15.91 2.80
CA ILE B 184 -26.16 -15.88 2.33
C ILE B 184 -26.22 -16.06 0.83
N GLU B 185 -25.26 -15.49 0.10
CA GLU B 185 -25.18 -15.74 -1.33
C GLU B 185 -24.92 -17.22 -1.62
N ALA B 186 -24.07 -17.85 -0.80
CA ALA B 186 -23.81 -19.26 -0.97
C ALA B 186 -25.05 -20.10 -0.66
N PHE B 187 -25.82 -19.71 0.35
CA PHE B 187 -27.09 -20.39 0.62
C PHE B 187 -28.04 -20.26 -0.56
N ASN B 188 -28.09 -19.08 -1.18
CA ASN B 188 -28.95 -18.89 -2.34
C ASN B 188 -28.55 -19.82 -3.48
N GLU B 189 -27.25 -19.94 -3.73
CA GLU B 189 -26.80 -20.80 -4.82
C GLU B 189 -27.00 -22.28 -4.48
N THR B 190 -26.81 -22.64 -3.20
CA THR B 190 -27.04 -24.01 -2.78
C THR B 190 -28.51 -24.39 -2.94
N ILE B 191 -29.41 -23.53 -2.46
CA ILE B 191 -30.84 -23.81 -2.54
C ILE B 191 -31.29 -23.91 -3.99
N LYS B 192 -30.69 -23.11 -4.87
CA LYS B 192 -30.97 -23.23 -6.30
C LYS B 192 -30.64 -24.63 -6.81
N ILE B 193 -29.46 -25.14 -6.46
CA ILE B 193 -29.03 -26.44 -6.96
C ILE B 193 -29.95 -27.54 -6.44
N PHE B 194 -30.27 -27.49 -5.14
CA PHE B 194 -31.16 -28.50 -4.56
C PHE B 194 -32.56 -28.41 -5.16
N GLU B 195 -33.02 -27.22 -5.52
CA GLU B 195 -34.30 -27.09 -6.19
C GLU B 195 -34.24 -27.59 -7.63
N GLU B 196 -33.09 -27.42 -8.29
CA GLU B 196 -32.90 -28.07 -9.59
C GLU B 196 -32.99 -29.58 -9.47
N GLN B 197 -32.54 -30.13 -8.33
CA GLN B 197 -32.61 -31.57 -8.12
C GLN B 197 -34.05 -32.05 -8.02
N CYS B 198 -34.94 -31.21 -7.48
CA CYS B 198 -36.36 -31.57 -7.44
C CYS B 198 -36.96 -31.61 -8.83
N GLN B 199 -36.80 -30.53 -9.59
CA GLN B 199 -37.35 -30.47 -10.94
C GLN B 199 -36.77 -31.57 -11.83
N THR B 200 -35.50 -31.93 -11.61
CA THR B 200 -34.91 -33.05 -12.34
C THR B 200 -35.57 -34.36 -11.94
N GLN B 201 -35.87 -34.53 -10.64
CA GLN B 201 -36.49 -35.77 -10.19
C GLN B 201 -37.95 -35.86 -10.65
N GLU B 202 -38.64 -34.72 -10.70
CA GLU B 202 -40.03 -34.72 -11.16
C GLU B 202 -40.12 -35.08 -12.63
N ARG B 203 -39.15 -34.63 -13.44
CA ARG B 203 -39.16 -34.95 -14.86
C ARG B 203 -38.94 -36.44 -15.09
N TYR B 204 -37.92 -37.00 -14.44
CA TYR B 204 -37.58 -38.40 -14.65
C TYR B 204 -38.54 -39.37 -13.97
N SER B 205 -39.25 -38.93 -12.93
CA SER B 205 -40.16 -39.84 -12.25
C SER B 205 -41.49 -39.98 -12.97
N LYS B 206 -41.98 -38.88 -13.56
CA LYS B 206 -43.36 -38.81 -14.04
C LYS B 206 -43.71 -39.97 -14.96
N GLU B 207 -42.78 -40.42 -15.78
CA GLU B 207 -43.05 -41.54 -16.67
C GLU B 207 -42.59 -42.88 -16.09
N TYR B 208 -41.73 -42.86 -15.07
CA TYR B 208 -41.28 -44.08 -14.43
C TYR B 208 -42.20 -44.53 -13.30
N ILE B 209 -42.86 -43.60 -12.61
CA ILE B 209 -43.89 -43.99 -11.66
C ILE B 209 -45.12 -44.51 -12.40
N GLU B 210 -45.28 -44.15 -13.67
CA GLU B 210 -46.36 -44.72 -14.47
C GLU B 210 -46.02 -46.12 -14.96
N LYS B 211 -44.73 -46.36 -15.26
CA LYS B 211 -44.32 -47.68 -15.69
C LYS B 211 -44.39 -48.69 -14.55
N PHE B 212 -44.23 -48.24 -13.31
CA PHE B 212 -44.32 -49.16 -12.18
C PHE B 212 -45.75 -49.37 -11.69
N LYS B 213 -46.66 -48.42 -11.97
CA LYS B 213 -48.03 -48.55 -11.50
C LYS B 213 -48.73 -49.73 -12.15
N ARG B 214 -48.63 -49.86 -13.47
CA ARG B 214 -49.27 -50.98 -14.13
C ARG B 214 -48.53 -52.28 -13.84
N GLU B 215 -47.21 -52.23 -13.68
CA GLU B 215 -46.39 -53.41 -13.37
C GLU B 215 -46.42 -53.78 -11.90
N GLY B 216 -47.20 -53.06 -11.09
CA GLY B 216 -47.40 -53.37 -9.69
C GLY B 216 -46.16 -53.35 -8.83
N ASN B 217 -45.18 -52.50 -9.16
CA ASN B 217 -44.01 -52.34 -8.32
C ASN B 217 -44.18 -51.20 -7.34
N GLU B 218 -45.24 -51.29 -6.53
CA GLU B 218 -45.59 -50.20 -5.63
C GLU B 218 -44.46 -49.87 -4.66
N LYS B 219 -43.78 -50.91 -4.15
CA LYS B 219 -42.68 -50.67 -3.22
C LYS B 219 -41.57 -49.84 -3.87
N GLU B 220 -41.37 -50.01 -5.18
CA GLU B 220 -40.40 -49.16 -5.88
C GLU B 220 -40.87 -47.71 -5.95
N ILE B 221 -42.18 -47.49 -6.06
CA ILE B 221 -42.71 -46.13 -5.98
C ILE B 221 -42.44 -45.54 -4.61
N GLN B 222 -42.65 -46.33 -3.56
CA GLN B 222 -42.34 -45.86 -2.20
C GLN B 222 -40.88 -45.48 -2.06
N ARG B 223 -39.98 -46.19 -2.76
CA ARG B 223 -38.57 -45.82 -2.73
C ARG B 223 -38.35 -44.45 -3.36
N ILE B 224 -38.97 -44.19 -4.50
CA ILE B 224 -38.85 -42.89 -5.15
C ILE B 224 -39.45 -41.80 -4.28
N MET B 225 -40.61 -42.06 -3.68
CA MET B 225 -41.24 -41.07 -2.82
C MET B 225 -40.43 -40.84 -1.55
N HIS B 226 -39.77 -41.88 -1.02
CA HIS B 226 -38.97 -41.71 0.19
C HIS B 226 -37.75 -40.84 -0.08
N ASN B 227 -37.10 -41.02 -1.23
CA ASN B 227 -35.96 -40.19 -1.57
C ASN B 227 -36.39 -38.76 -1.88
N TYR B 228 -37.59 -38.56 -2.41
CA TYR B 228 -38.08 -37.22 -2.65
C TYR B 228 -38.37 -36.51 -1.33
N ASP B 229 -39.00 -37.20 -0.38
CA ASP B 229 -39.16 -36.64 0.96
C ASP B 229 -37.79 -36.36 1.59
N LYS B 230 -36.82 -37.23 1.34
CA LYS B 230 -35.46 -37.01 1.79
C LYS B 230 -34.88 -35.74 1.19
N LEU B 231 -35.23 -35.46 -0.07
CA LEU B 231 -34.71 -34.27 -0.75
C LEU B 231 -35.40 -33.00 -0.27
N LYS B 232 -36.74 -33.04 -0.14
CA LYS B 232 -37.47 -31.88 0.35
C LYS B 232 -37.12 -31.58 1.79
N SER B 233 -36.83 -32.61 2.60
CA SER B 233 -36.45 -32.37 3.98
C SER B 233 -35.09 -31.68 4.07
N ARG B 234 -34.14 -32.10 3.23
CA ARG B 234 -32.84 -31.44 3.22
C ARG B 234 -32.95 -30.00 2.75
N ILE B 235 -33.78 -29.75 1.75
CA ILE B 235 -33.99 -28.39 1.28
C ILE B 235 -34.61 -27.52 2.37
N SER B 236 -35.62 -28.06 3.06
CA SER B 236 -36.26 -27.30 4.12
C SER B 236 -35.28 -26.92 5.23
N GLU B 237 -34.28 -27.77 5.47
CA GLU B 237 -33.26 -27.43 6.46
C GLU B 237 -32.36 -26.30 5.97
N ILE B 238 -31.95 -26.36 4.71
CA ILE B 238 -31.04 -25.34 4.17
C ILE B 238 -31.75 -23.99 4.08
N ILE B 239 -33.05 -24.01 3.76
CA ILE B 239 -33.81 -22.76 3.70
C ILE B 239 -33.92 -22.14 5.10
N ASP B 240 -34.07 -22.98 6.13
CA ASP B 240 -34.15 -22.46 7.49
C ASP B 240 -32.78 -21.99 7.99
N SER B 241 -31.71 -22.63 7.55
CA SER B 241 -30.37 -22.17 7.94
C SER B 241 -30.08 -20.80 7.35
N ARG B 242 -30.54 -20.55 6.12
CA ARG B 242 -30.37 -19.23 5.54
C ARG B 242 -31.26 -18.20 6.24
N ARG B 243 -32.48 -18.60 6.60
CA ARG B 243 -33.38 -17.69 7.29
C ARG B 243 -32.84 -17.30 8.66
N ARG B 244 -32.14 -18.22 9.34
CA ARG B 244 -31.52 -17.87 10.61
C ARG B 244 -30.32 -16.95 10.40
N LEU B 245 -29.57 -17.15 9.31
CA LEU B 245 -28.45 -16.27 9.02
C LEU B 245 -28.94 -14.91 8.52
N GLU B 246 -30.12 -14.86 7.90
CA GLU B 246 -30.66 -13.58 7.44
C GLU B 246 -31.11 -12.72 8.62
N GLU B 247 -31.76 -13.32 9.61
CA GLU B 247 -32.15 -12.56 10.79
C GLU B 247 -30.96 -12.21 11.65
N ASP B 248 -29.90 -13.02 11.61
CA ASP B 248 -28.63 -12.63 12.24
C ASP B 248 -28.05 -11.40 11.55
N LEU B 249 -27.99 -11.43 10.22
CA LEU B 249 -27.54 -10.28 9.46
C LEU B 249 -28.43 -9.07 9.71
N LYS B 250 -29.73 -9.30 9.92
CA LYS B 250 -30.64 -8.20 10.20
C LYS B 250 -30.30 -7.53 11.53
N LYS B 251 -29.99 -8.32 12.55
CA LYS B 251 -29.61 -7.75 13.84
C LYS B 251 -28.25 -7.06 13.76
N GLN B 252 -27.26 -7.73 13.14
CA GLN B 252 -25.91 -7.17 13.14
C GLN B 252 -25.81 -5.92 12.28
N ALA B 253 -26.59 -5.84 11.19
CA ALA B 253 -26.62 -4.62 10.41
C ALA B 253 -27.20 -3.45 11.22
N ALA B 254 -28.09 -3.76 12.16
CA ALA B 254 -28.62 -2.73 13.06
C ALA B 254 -27.59 -2.36 14.13
N GLU B 255 -26.82 -3.34 14.61
CA GLU B 255 -25.77 -3.05 15.58
C GLU B 255 -24.70 -2.17 14.95
N TYR B 256 -24.36 -2.43 13.68
CA TYR B 256 -23.40 -1.59 12.99
C TYR B 256 -23.89 -0.16 12.86
N ARG B 257 -25.19 0.01 12.56
CA ARG B 257 -25.74 1.36 12.41
C ARG B 257 -25.64 2.15 13.71
N GLU B 258 -25.84 1.49 14.85
CA GLU B 258 -25.74 2.18 16.12
C GLU B 258 -24.28 2.48 16.47
N ILE B 259 -23.39 1.54 16.17
CA ILE B 259 -21.96 1.79 16.35
C ILE B 259 -21.52 2.97 15.48
N ASP B 260 -22.02 3.03 14.25
CA ASP B 260 -21.67 4.12 13.34
C ASP B 260 -22.11 5.46 13.91
N LYS B 261 -23.28 5.51 14.57
CA LYS B 261 -23.76 6.76 15.13
C LYS B 261 -22.90 7.21 16.30
N ARG B 262 -22.53 6.28 17.20
CA ARG B 262 -21.67 6.63 18.31
C ARG B 262 -20.29 7.07 17.84
N MET B 263 -19.85 6.56 16.68
CA MET B 263 -18.61 7.04 16.08
C MET B 263 -18.74 8.52 15.70
N ASN B 264 -19.78 8.86 14.94
CA ASN B 264 -19.98 10.23 14.49
C ASN B 264 -20.36 11.17 15.62
N SER B 265 -20.68 10.66 16.81
CA SER B 265 -20.93 11.51 17.96
C SER B 265 -19.65 11.77 18.75
N ILE B 266 -18.79 10.77 18.90
CA ILE B 266 -17.57 10.94 19.66
C ILE B 266 -16.51 11.68 18.86
N LYS B 267 -16.44 11.44 17.55
CA LYS B 267 -15.42 12.01 16.67
C LYS B 267 -15.28 13.52 16.84
N PRO B 268 -16.34 14.32 16.62
CA PRO B 268 -16.13 15.79 16.70
C PRO B 268 -15.76 16.27 18.10
N ASP B 269 -16.31 15.65 19.14
CA ASP B 269 -15.96 16.03 20.50
C ASP B 269 -14.54 15.60 20.85
N LEU B 270 -14.08 14.48 20.29
CA LEU B 270 -12.71 14.05 20.53
C LEU B 270 -11.70 14.98 19.89
N ILE B 271 -12.06 15.56 18.73
CA ILE B 271 -11.14 16.49 18.05
C ILE B 271 -10.95 17.74 18.90
N GLN B 272 -12.04 18.40 19.27
CA GLN B 272 -11.93 19.63 20.05
C GLN B 272 -11.37 19.38 21.43
N LEU B 273 -11.54 18.16 21.96
CA LEU B 273 -10.91 17.84 23.24
C LEU B 273 -9.40 17.71 23.10
N ARG B 274 -8.94 17.20 21.94
CA ARG B 274 -7.51 17.19 21.68
C ARG B 274 -6.99 18.60 21.38
N LYS B 275 -7.79 19.41 20.68
CA LYS B 275 -7.37 20.77 20.39
C LYS B 275 -7.27 21.60 21.67
N THR B 276 -8.25 21.46 22.56
CA THR B 276 -8.18 22.15 23.86
C THR B 276 -6.95 21.69 24.64
N ARG B 277 -6.64 20.40 24.58
CA ARG B 277 -5.46 19.88 25.27
C ARG B 277 -4.19 20.49 24.70
N ASP B 278 -4.06 20.52 23.36
CA ASP B 278 -2.85 21.06 22.75
C ASP B 278 -2.71 22.56 23.00
N GLN B 279 -3.83 23.26 23.21
CA GLN B 279 -3.74 24.69 23.47
C GLN B 279 -3.21 24.97 24.88
N TYR B 280 -3.62 24.16 25.85
CA TYR B 280 -3.10 24.32 27.21
C TYR B 280 -1.63 23.95 27.30
N LEU B 281 -1.23 22.88 26.59
CA LEU B 281 0.18 22.52 26.56
C LEU B 281 1.02 23.60 25.92
N MET B 282 0.49 24.26 24.89
CA MET B 282 1.23 25.33 24.21
C MET B 282 1.34 26.56 25.10
N TRP B 283 0.27 26.90 25.82
CA TRP B 283 0.34 27.98 26.81
C TRP B 283 1.47 27.72 27.80
N LEU B 284 1.54 26.48 28.31
CA LEU B 284 2.53 26.16 29.33
C LEU B 284 3.94 26.34 28.81
N THR B 285 4.19 25.96 27.56
CA THR B 285 5.50 26.17 26.96
C THR B 285 5.80 27.65 26.78
N GLN B 286 4.83 28.42 26.28
CA GLN B 286 5.06 29.82 26.01
C GLN B 286 5.24 30.63 27.30
N LYS B 287 4.53 30.26 28.37
CA LYS B 287 4.71 30.93 29.65
C LYS B 287 5.92 30.43 30.43
N GLY B 288 6.51 29.30 30.03
CA GLY B 288 7.68 28.79 30.70
C GLY B 288 8.99 29.32 30.11
N VAL B 289 10.08 28.96 30.77
CA VAL B 289 11.40 29.40 30.32
C VAL B 289 11.78 28.69 29.03
N ARG B 290 12.56 29.36 28.19
CA ARG B 290 12.83 28.90 26.84
C ARG B 290 14.29 29.15 26.48
N GLN B 291 14.74 28.40 25.47
CA GLN B 291 16.07 28.50 24.88
C GLN B 291 17.19 28.69 25.91
#